data_3W1V
#
_entry.id   3W1V
#
_cell.length_a   123.780
_cell.length_b   123.780
_cell.length_c   104.460
_cell.angle_alpha   90.00
_cell.angle_beta   90.00
_cell.angle_gamma   120.00
#
_symmetry.space_group_name_H-M   'P 3 2 1'
#
loop_
_entity.id
_entity.type
_entity.pdbx_description
1 polymer 'Capsular polysaccharide synthesis enzyme Cap8E'
2 non-polymer 'SULFATE ION'
3 non-polymer '4-(2-HYDROXYETHYL)-1-PIPERAZINE ETHANESULFONIC ACID'
4 non-polymer [(2R,3S,4R,5R,6R)-5-acetamido-6-[[[(2R,3S,4R,5R)-5-[2,4-bis(oxidanylidene)pyrimidin-1-yl]-3,4-bis(oxidanyl)oxolan-2-yl]methoxy-oxidanyl-phosphoryl]oxy-oxidanyl-phosphoryl]oxy-3,4-bis(oxidanyl)oxan-2-yl]methylimino-azanylidene-azanium
5 non-polymer 'SODIUM ION'
6 water water
#
_entity_poly.entity_id   1
_entity_poly.type   'polypeptide(L)'
_entity_poly.pdbx_seq_one_letter_code
;MNHKHHHHHHSSGLVPRGSAMGFDDKILLITGGTGSFGNAVMKRFLDSNIKEIRIFSRDEKKQDDIRKKYNNSKLKFYIG
DVRDSQSVETAMRDVDYVFHAAALKQVPSCEFFPVEAVKTNIIGTENVLQSAIHQNVKKVICLSTDKAAYPINAMGISKA
MMEKVFVAKSRNIRSEQTLICGTRYGNVMASRGSVIPLFIDKIKAGEPLTITDPDMTRFLMSLEDAVELVVHAFKHAETG
DIMVQKAPSSTVGDLATALLELFEADNAIEIIGTRHGEKKAETLLTREEYAQCEDMGDYFRVPADSRDLNYSNYVETGNE
KITQSYEYNSDNTHILTVEEIKEKLLTLEYVRNELNDYKASMR
;
_entity_poly.pdbx_strand_id   A,B
#
# COMPACT_ATOMS: atom_id res chain seq x y z
N GLY A 13 1.55 20.53 28.14
CA GLY A 13 0.35 19.73 28.46
C GLY A 13 0.47 18.25 28.03
N LEU A 14 0.77 17.37 28.98
CA LEU A 14 0.71 15.91 28.71
C LEU A 14 -0.70 15.46 29.04
N VAL A 15 -1.51 16.39 29.51
CA VAL A 15 -2.88 16.08 29.93
C VAL A 15 -3.89 17.17 29.47
N PRO A 16 -5.10 16.78 29.02
CA PRO A 16 -6.13 17.75 28.54
C PRO A 16 -6.40 18.84 29.61
N ARG A 17 -6.65 20.11 29.25
CA ARG A 17 -7.05 21.09 30.29
C ARG A 17 -8.22 20.44 31.01
N GLY A 18 -8.42 20.79 32.30
CA GLY A 18 -9.50 20.26 33.12
C GLY A 18 -9.37 18.77 33.44
N SER A 19 -8.27 18.13 33.06
CA SER A 19 -7.99 16.75 33.53
C SER A 19 -6.87 16.76 34.57
N ALA A 20 -6.80 15.72 35.39
CA ALA A 20 -5.52 15.31 36.00
C ALA A 20 -5.24 13.84 35.68
N MET A 21 -4.05 13.53 35.22
CA MET A 21 -3.62 12.14 35.30
C MET A 21 -2.53 12.10 36.40
N GLY A 22 -2.58 11.13 37.29
CA GLY A 22 -1.36 10.78 37.93
C GLY A 22 -0.68 10.00 36.81
N PHE A 23 0.54 10.36 36.44
CA PHE A 23 1.41 9.42 35.71
C PHE A 23 2.26 8.69 36.71
N ASP A 24 2.07 9.00 37.99
N ASP A 24 2.10 9.01 37.98
CA ASP A 24 3.04 8.65 39.04
CA ASP A 24 3.08 8.66 38.99
C ASP A 24 3.21 7.14 39.23
C ASP A 24 3.20 7.14 39.28
N ASP A 25 2.16 6.40 38.95
CA ASP A 25 2.25 4.94 39.03
C ASP A 25 2.19 4.34 37.60
N LYS A 26 2.48 5.14 36.56
CA LYS A 26 2.27 4.65 35.18
C LYS A 26 3.59 4.27 34.49
N ILE A 27 3.50 3.39 33.50
CA ILE A 27 4.69 2.94 32.76
C ILE A 27 4.46 3.11 31.24
N LEU A 28 5.36 3.84 30.62
CA LEU A 28 5.38 4.10 29.20
C LEU A 28 6.45 3.21 28.56
N LEU A 29 6.12 2.56 27.46
CA LEU A 29 7.10 1.76 26.71
C LEU A 29 7.25 2.44 25.37
N ILE A 30 8.50 2.66 24.92
CA ILE A 30 8.70 3.24 23.60
C ILE A 30 9.43 2.16 22.74
N THR A 31 8.77 1.62 21.67
CA THR A 31 9.54 0.78 20.73
C THR A 31 10.25 1.69 19.80
N GLY A 32 11.34 1.27 19.19
CA GLY A 32 12.02 2.23 18.39
C GLY A 32 12.63 3.23 19.36
N GLY A 33 12.92 2.82 20.59
CA GLY A 33 13.16 3.84 21.66
C GLY A 33 14.44 4.71 21.46
N THR A 34 15.41 4.16 20.69
CA THR A 34 16.73 4.75 20.58
C THR A 34 16.82 5.62 19.37
N GLY A 35 15.81 5.52 18.48
CA GLY A 35 15.75 6.37 17.27
C GLY A 35 15.52 7.83 17.65
N SER A 36 15.65 8.79 16.73
CA SER A 36 15.44 10.20 17.12
C SER A 36 13.98 10.54 17.49
N PHE A 37 13.02 9.88 16.87
CA PHE A 37 11.68 10.11 17.44
C PHE A 37 11.47 9.63 18.88
N GLY A 38 11.77 8.36 19.16
CA GLY A 38 11.58 7.86 20.55
C GLY A 38 12.36 8.71 21.52
N ASN A 39 13.49 9.20 21.05
CA ASN A 39 14.27 10.04 21.88
C ASN A 39 13.64 11.38 22.28
N ALA A 40 13.04 12.07 21.30
CA ALA A 40 12.34 13.35 21.66
C ALA A 40 11.05 13.09 22.50
N VAL A 41 10.35 11.99 22.23
CA VAL A 41 9.15 11.70 23.07
C VAL A 41 9.58 11.37 24.51
N MET A 42 10.62 10.55 24.59
CA MET A 42 11.24 10.23 25.84
C MET A 42 11.56 11.50 26.66
N LYS A 43 12.26 12.45 26.03
CA LYS A 43 12.63 13.68 26.70
C LYS A 43 11.37 14.45 27.11
N ARG A 44 10.38 14.48 26.23
N ARG A 44 10.37 14.43 26.23
CA ARG A 44 9.11 15.11 26.62
CA ARG A 44 9.08 15.07 26.54
C ARG A 44 8.59 14.51 27.93
C ARG A 44 8.40 14.51 27.81
N PHE A 45 8.41 13.19 27.98
CA PHE A 45 7.89 12.54 29.22
C PHE A 45 8.86 12.50 30.45
N LEU A 46 10.16 12.76 30.27
CA LEU A 46 11.03 12.84 31.48
C LEU A 46 10.57 13.96 32.44
N ASP A 47 10.04 15.04 31.85
CA ASP A 47 9.45 16.15 32.62
C ASP A 47 7.99 15.90 32.87
N SER A 48 7.73 14.86 33.64
CA SER A 48 6.36 14.52 34.06
C SER A 48 6.62 13.74 35.30
N ASN A 49 5.58 13.28 35.96
CA ASN A 49 5.73 12.43 37.11
C ASN A 49 5.72 10.93 36.73
N ILE A 50 5.87 10.59 35.43
CA ILE A 50 5.82 9.16 34.97
C ILE A 50 6.71 8.25 35.85
N LYS A 51 6.24 7.09 36.23
CA LYS A 51 7.08 6.22 37.03
C LYS A 51 8.28 5.66 36.26
N GLU A 52 8.07 5.21 35.04
CA GLU A 52 9.15 4.52 34.33
C GLU A 52 8.93 4.70 32.80
N ILE A 53 10.01 4.96 32.09
CA ILE A 53 9.95 4.98 30.62
C ILE A 53 10.88 3.84 30.19
N ARG A 54 10.31 2.81 29.52
CA ARG A 54 11.11 1.69 29.07
C ARG A 54 11.48 1.88 27.63
N ILE A 55 12.78 1.95 27.39
CA ILE A 55 13.33 2.07 26.06
C ILE A 55 13.57 0.64 25.54
N PHE A 56 12.91 0.31 24.39
CA PHE A 56 12.94 -1.03 23.90
C PHE A 56 13.61 -1.00 22.50
N SER A 57 14.70 -1.77 22.29
CA SER A 57 15.23 -1.85 20.93
C SER A 57 16.29 -2.92 20.98
N ARG A 58 16.97 -3.19 19.86
CA ARG A 58 18.09 -4.14 19.92
C ARG A 58 19.42 -3.44 19.87
N ASP A 59 19.39 -2.13 19.93
CA ASP A 59 20.65 -1.40 19.85
C ASP A 59 21.30 -1.20 21.26
N GLU A 60 22.14 -2.14 21.65
CA GLU A 60 22.56 -2.16 23.07
C GLU A 60 23.50 -0.96 23.27
N LYS A 61 24.21 -0.60 22.22
CA LYS A 61 25.17 0.48 22.30
C LYS A 61 24.46 1.88 22.48
N LYS A 62 23.48 2.15 21.63
CA LYS A 62 22.74 3.40 21.77
C LYS A 62 21.99 3.42 23.12
N GLN A 63 21.47 2.26 23.55
CA GLN A 63 20.82 2.28 24.84
C GLN A 63 21.82 2.78 25.92
N ASP A 64 23.04 2.29 25.84
CA ASP A 64 24.04 2.57 26.93
C ASP A 64 24.38 4.08 26.86
N ASP A 65 24.55 4.65 25.65
CA ASP A 65 24.76 6.10 25.51
C ASP A 65 23.59 6.92 26.09
N ILE A 66 22.34 6.56 25.78
CA ILE A 66 21.22 7.27 26.34
C ILE A 66 21.22 7.16 27.87
N ARG A 67 21.53 5.96 28.37
CA ARG A 67 21.52 5.71 29.80
C ARG A 67 22.51 6.68 30.50
N LYS A 68 23.71 6.78 29.93
CA LYS A 68 24.82 7.57 30.51
C LYS A 68 24.57 9.05 30.38
N LYS A 69 24.04 9.43 29.22
CA LYS A 69 23.67 10.82 28.94
C LYS A 69 22.62 11.38 29.90
N TYR A 70 21.53 10.64 30.16
CA TYR A 70 20.42 11.13 30.96
C TYR A 70 20.55 10.78 32.40
N ASN A 71 21.14 9.63 32.70
CA ASN A 71 21.36 9.32 34.11
C ASN A 71 20.10 9.57 34.98
N ASN A 72 18.96 9.02 34.54
CA ASN A 72 17.68 9.28 35.14
C ASN A 72 17.01 8.02 35.54
N SER A 73 16.57 7.98 36.80
CA SER A 73 16.08 6.74 37.37
C SER A 73 14.80 6.23 36.71
N LYS A 74 14.05 7.10 36.02
CA LYS A 74 12.82 6.73 35.31
C LYS A 74 13.04 5.79 34.12
N LEU A 75 14.24 5.84 33.54
CA LEU A 75 14.58 5.14 32.32
C LEU A 75 15.08 3.73 32.58
N LYS A 76 14.51 2.76 31.82
CA LYS A 76 14.89 1.38 31.86
C LYS A 76 15.15 0.93 30.44
N PHE A 77 16.14 0.06 30.28
CA PHE A 77 16.61 -0.24 28.95
C PHE A 77 16.37 -1.71 28.71
N TYR A 78 15.49 -2.04 27.74
CA TYR A 78 15.11 -3.42 27.47
C TYR A 78 15.69 -3.80 26.12
N ILE A 79 16.31 -5.00 26.04
CA ILE A 79 16.78 -5.46 24.72
C ILE A 79 15.58 -6.20 24.12
N GLY A 80 15.23 -5.89 22.88
CA GLY A 80 14.31 -6.82 22.19
C GLY A 80 13.85 -6.30 20.84
N ASP A 81 12.99 -7.04 20.22
CA ASP A 81 12.77 -6.92 18.76
C ASP A 81 11.26 -7.09 18.58
N VAL A 82 10.58 -6.09 17.94
CA VAL A 82 9.17 -6.14 17.63
C VAL A 82 8.81 -7.36 16.80
N ARG A 83 9.77 -7.92 16.04
CA ARG A 83 9.46 -9.14 15.34
C ARG A 83 9.30 -10.38 16.22
N ASP A 84 9.64 -10.29 17.50
CA ASP A 84 9.61 -11.52 18.31
C ASP A 84 8.55 -11.32 19.45
N SER A 85 7.42 -12.00 19.41
CA SER A 85 6.33 -11.78 20.45
C SER A 85 6.78 -11.98 21.88
N GLN A 86 7.62 -12.98 22.14
CA GLN A 86 8.08 -13.23 23.53
C GLN A 86 9.05 -12.10 23.97
N SER A 87 9.85 -11.61 23.05
CA SER A 87 10.68 -10.45 23.35
C SER A 87 9.85 -9.18 23.72
N VAL A 88 8.80 -8.91 22.96
CA VAL A 88 7.86 -7.85 23.28
C VAL A 88 7.11 -8.11 24.63
N GLU A 89 6.64 -9.33 24.85
CA GLU A 89 5.88 -9.64 26.00
C GLU A 89 6.75 -9.32 27.22
N THR A 90 8.02 -9.69 27.22
CA THR A 90 8.88 -9.36 28.36
C THR A 90 8.85 -7.84 28.68
N ALA A 91 8.88 -7.00 27.66
CA ALA A 91 8.95 -5.60 27.91
C ALA A 91 7.59 -5.02 28.16
N MET A 92 6.53 -5.74 27.81
CA MET A 92 5.17 -5.12 27.83
C MET A 92 4.47 -5.32 29.22
N ARG A 93 4.93 -6.32 30.00
CA ARG A 93 4.30 -6.59 31.31
C ARG A 93 4.20 -5.34 32.14
N ASP A 94 2.99 -5.06 32.64
CA ASP A 94 2.70 -3.86 33.56
C ASP A 94 2.79 -2.49 32.86
N VAL A 95 2.93 -2.46 31.53
CA VAL A 95 3.01 -1.20 30.78
C VAL A 95 1.60 -0.60 30.72
N ASP A 96 1.50 0.71 30.88
CA ASP A 96 0.28 1.41 30.67
C ASP A 96 0.09 2.02 29.29
N TYR A 97 1.18 2.56 28.71
CA TYR A 97 1.10 3.30 27.44
C TYR A 97 2.24 2.82 26.49
N VAL A 98 1.99 2.63 25.20
CA VAL A 98 3.05 2.21 24.30
C VAL A 98 3.08 3.26 23.20
N PHE A 99 4.26 3.86 23.01
CA PHE A 99 4.51 4.64 21.79
C PHE A 99 5.29 3.72 20.84
N HIS A 100 4.66 3.36 19.72
CA HIS A 100 5.24 2.36 18.86
C HIS A 100 5.86 3.00 17.65
N ALA A 101 7.13 3.25 17.76
CA ALA A 101 7.89 3.93 16.75
C ALA A 101 8.87 2.93 16.04
N ALA A 102 8.94 1.63 16.38
CA ALA A 102 9.95 0.77 15.72
C ALA A 102 9.51 0.56 14.26
N ALA A 103 10.47 0.69 13.34
CA ALA A 103 10.04 0.60 11.95
C ALA A 103 11.25 0.46 11.12
N LEU A 104 11.11 -0.14 9.95
CA LEU A 104 12.16 0.11 8.88
C LEU A 104 11.61 1.24 8.03
N LYS A 105 12.36 2.34 7.94
CA LYS A 105 11.72 3.52 7.38
C LYS A 105 12.46 4.15 6.26
N GLN A 106 13.58 3.61 5.83
N GLN A 106 13.56 3.59 5.80
CA GLN A 106 14.21 4.17 4.63
CA GLN A 106 14.21 4.20 4.62
C GLN A 106 13.47 3.64 3.40
C GLN A 106 13.71 3.60 3.32
N VAL A 107 13.35 4.45 2.38
CA VAL A 107 12.71 4.03 1.17
C VAL A 107 13.54 2.96 0.42
N PRO A 108 14.82 3.23 0.12
CA PRO A 108 15.51 2.35 -0.80
C PRO A 108 15.67 0.97 -0.15
N SER A 109 15.95 0.97 1.16
CA SER A 109 16.18 -0.29 1.81
C SER A 109 14.84 -1.09 1.93
N CYS A 110 13.67 -0.44 2.12
CA CYS A 110 12.32 -1.19 2.07
C CYS A 110 12.03 -1.60 0.65
N GLU A 111 12.47 -0.79 -0.33
CA GLU A 111 12.23 -1.18 -1.73
C GLU A 111 12.93 -2.46 -2.18
N PHE A 112 14.12 -2.62 -1.68
CA PHE A 112 14.97 -3.72 -2.07
C PHE A 112 14.76 -4.92 -1.20
N PHE A 113 14.32 -4.67 0.04
CA PHE A 113 14.05 -5.76 1.00
C PHE A 113 12.63 -5.67 1.54
N PRO A 114 11.62 -5.87 0.67
CA PRO A 114 10.27 -5.53 1.15
C PRO A 114 9.78 -6.59 2.15
N VAL A 115 10.32 -7.83 2.13
CA VAL A 115 9.83 -8.84 3.09
C VAL A 115 10.28 -8.37 4.51
N GLU A 116 11.48 -7.75 4.59
CA GLU A 116 11.98 -7.23 5.84
C GLU A 116 11.05 -6.05 6.24
N ALA A 117 10.61 -5.21 5.28
CA ALA A 117 9.67 -4.14 5.69
C ALA A 117 8.36 -4.75 6.27
N VAL A 118 7.86 -5.84 5.67
CA VAL A 118 6.59 -6.45 6.18
C VAL A 118 6.88 -7.01 7.56
N LYS A 119 8.00 -7.73 7.74
CA LYS A 119 8.31 -8.37 9.06
C LYS A 119 8.37 -7.34 10.18
N THR A 120 9.02 -6.18 9.93
CA THR A 120 9.16 -5.21 11.02
C THR A 120 7.92 -4.30 11.07
N ASN A 121 7.43 -3.74 9.92
CA ASN A 121 6.46 -2.63 10.05
C ASN A 121 5.04 -3.20 10.21
N ILE A 122 4.78 -4.39 9.63
CA ILE A 122 3.42 -4.95 9.69
C ILE A 122 3.32 -6.04 10.76
N ILE A 123 4.10 -7.13 10.59
CA ILE A 123 4.01 -8.20 11.59
C ILE A 123 4.52 -7.74 13.01
N GLY A 124 5.57 -6.94 13.02
CA GLY A 124 6.05 -6.29 14.22
C GLY A 124 4.97 -5.45 14.93
N THR A 125 4.19 -4.70 14.19
CA THR A 125 3.14 -3.93 14.80
C THR A 125 2.06 -4.81 15.37
N GLU A 126 1.67 -5.82 14.61
CA GLU A 126 0.68 -6.78 15.13
C GLU A 126 1.15 -7.52 16.42
N ASN A 127 2.41 -7.90 16.46
CA ASN A 127 3.01 -8.43 17.73
C ASN A 127 2.88 -7.47 18.95
N VAL A 128 3.17 -6.20 18.72
CA VAL A 128 3.08 -5.17 19.73
C VAL A 128 1.62 -4.99 20.19
N LEU A 129 0.70 -4.89 19.23
CA LEU A 129 -0.73 -4.81 19.57
C LEU A 129 -1.27 -6.04 20.31
N GLN A 130 -0.94 -7.27 19.84
CA GLN A 130 -1.49 -8.45 20.51
C GLN A 130 -0.93 -8.50 21.92
N SER A 131 0.33 -8.16 22.08
CA SER A 131 0.89 -8.24 23.45
C SER A 131 0.33 -7.12 24.34
N ALA A 132 0.18 -5.92 23.78
CA ALA A 132 -0.43 -4.82 24.55
C ALA A 132 -1.87 -5.21 25.01
N ILE A 133 -2.68 -5.79 24.13
CA ILE A 133 -4.04 -6.31 24.53
C ILE A 133 -3.93 -7.37 25.64
N HIS A 134 -3.13 -8.44 25.41
CA HIS A 134 -2.80 -9.42 26.46
C HIS A 134 -2.41 -8.81 27.82
N GLN A 135 -1.56 -7.77 27.86
CA GLN A 135 -1.05 -7.21 29.11
C GLN A 135 -1.96 -6.09 29.62
N ASN A 136 -3.12 -5.88 29.02
CA ASN A 136 -4.06 -4.85 29.48
C ASN A 136 -3.50 -3.45 29.44
N VAL A 137 -2.64 -3.15 28.47
CA VAL A 137 -2.10 -1.80 28.24
C VAL A 137 -3.32 -0.84 27.99
N LYS A 138 -3.26 0.40 28.46
CA LYS A 138 -4.35 1.35 28.25
C LYS A 138 -4.35 1.98 26.82
N LYS A 139 -3.17 2.37 26.29
CA LYS A 139 -3.12 2.99 24.97
C LYS A 139 -1.89 2.56 24.23
N VAL A 140 -2.07 2.32 22.94
CA VAL A 140 -0.95 2.21 22.02
C VAL A 140 -1.12 3.26 20.92
N ILE A 141 -0.09 4.08 20.68
CA ILE A 141 -0.07 5.07 19.59
C ILE A 141 0.98 4.60 18.57
N CYS A 142 0.55 4.32 17.31
CA CYS A 142 1.42 3.82 16.24
C CYS A 142 1.86 4.97 15.36
N LEU A 143 3.10 5.03 14.95
CA LEU A 143 3.57 6.21 14.21
C LEU A 143 3.48 5.85 12.73
N SER A 144 3.04 6.76 11.91
CA SER A 144 2.94 6.48 10.52
C SER A 144 3.42 7.75 9.73
N THR A 145 3.35 7.73 8.41
CA THR A 145 3.96 8.76 7.62
C THR A 145 3.01 9.16 6.48
N ASP A 146 3.14 10.40 5.96
CA ASP A 146 2.34 10.73 4.79
C ASP A 146 2.71 9.94 3.55
N LYS A 147 3.83 9.24 3.56
CA LYS A 147 4.11 8.30 2.43
C LYS A 147 3.19 7.05 2.40
N ALA A 148 2.42 6.85 3.51
CA ALA A 148 1.38 5.77 3.59
C ALA A 148 0.08 6.12 2.84
N ALA A 149 -0.14 7.39 2.47
CA ALA A 149 -1.44 7.75 1.87
C ALA A 149 -1.26 7.70 0.29
N TYR A 150 -2.11 7.00 -0.45
CA TYR A 150 -1.88 6.71 -1.86
C TYR A 150 -0.40 6.29 -2.08
N PRO A 151 0.05 5.29 -1.32
CA PRO A 151 1.51 5.01 -1.28
C PRO A 151 2.10 4.49 -2.65
N ILE A 152 3.34 4.88 -2.91
CA ILE A 152 4.05 4.33 -4.10
C ILE A 152 5.23 3.43 -3.79
N ASN A 153 5.84 3.51 -2.58
CA ASN A 153 7.07 2.79 -2.38
C ASN A 153 6.79 1.74 -1.27
N ALA A 154 7.65 0.72 -1.16
CA ALA A 154 7.42 -0.42 -0.36
C ALA A 154 7.31 0.09 1.08
N MET A 155 8.14 1.09 1.42
CA MET A 155 8.08 1.62 2.75
C MET A 155 6.68 2.20 3.07
N GLY A 156 6.18 3.12 2.23
CA GLY A 156 4.87 3.78 2.47
C GLY A 156 3.78 2.73 2.38
N ILE A 157 3.93 1.76 1.48
CA ILE A 157 2.89 0.66 1.41
C ILE A 157 2.82 -0.18 2.72
N SER A 158 3.99 -0.63 3.20
CA SER A 158 4.04 -1.36 4.45
C SER A 158 3.38 -0.49 5.59
N LYS A 159 3.64 0.79 5.62
CA LYS A 159 3.05 1.67 6.70
C LYS A 159 1.52 1.84 6.47
N ALA A 160 1.10 1.90 5.18
CA ALA A 160 -0.35 1.90 4.91
C ALA A 160 -0.99 0.63 5.45
N MET A 161 -0.31 -0.49 5.23
CA MET A 161 -0.91 -1.76 5.67
C MET A 161 -0.90 -1.79 7.23
N MET A 162 0.20 -1.33 7.85
CA MET A 162 0.20 -1.24 9.33
C MET A 162 -1.00 -0.44 9.81
N GLU A 163 -1.33 0.69 9.17
CA GLU A 163 -2.52 1.51 9.59
C GLU A 163 -3.79 0.65 9.49
N LYS A 164 -3.96 -0.11 8.39
CA LYS A 164 -5.15 -0.95 8.29
C LYS A 164 -5.15 -1.97 9.47
N VAL A 165 -3.96 -2.51 9.85
CA VAL A 165 -3.87 -3.54 10.89
C VAL A 165 -4.26 -2.90 12.27
N PHE A 166 -3.76 -1.70 12.56
CA PHE A 166 -4.07 -1.15 13.91
C PHE A 166 -5.55 -0.67 13.99
N VAL A 167 -6.09 -0.15 12.87
CA VAL A 167 -7.51 0.26 12.77
C VAL A 167 -8.46 -0.94 12.88
N ALA A 168 -8.09 -2.06 12.27
CA ALA A 168 -8.93 -3.24 12.31
C ALA A 168 -9.15 -3.71 13.76
N LYS A 169 -8.18 -3.57 14.69
CA LYS A 169 -8.46 -3.84 16.15
C LYS A 169 -9.68 -3.16 16.76
N SER A 170 -9.95 -1.91 16.36
CA SER A 170 -11.07 -1.18 16.89
C SER A 170 -12.43 -1.71 16.40
N ARG A 171 -12.40 -2.55 15.37
CA ARG A 171 -13.60 -3.20 15.07
C ARG A 171 -13.70 -4.56 15.86
N ASN A 172 -12.60 -5.07 16.56
CA ASN A 172 -12.55 -6.31 17.56
C ASN A 172 -12.38 -6.06 19.13
N ILE A 173 -11.28 -5.47 19.52
CA ILE A 173 -11.06 -5.12 20.93
C ILE A 173 -11.59 -3.69 21.51
N ARG A 174 -12.02 -3.73 22.79
CA ARG A 174 -12.85 -2.72 23.44
C ARG A 174 -12.11 -1.57 24.08
N SER A 175 -12.50 -0.34 23.72
CA SER A 175 -11.63 0.79 24.11
C SER A 175 -11.07 0.81 25.58
N GLU A 176 -11.91 0.51 26.58
CA GLU A 176 -11.46 0.53 27.99
C GLU A 176 -10.63 -0.75 28.29
N GLN A 177 -10.51 -1.65 27.30
CA GLN A 177 -9.49 -2.63 27.35
C GLN A 177 -8.28 -1.81 26.75
N THR A 178 -8.04 -1.78 25.45
CA THR A 178 -6.75 -1.17 24.99
C THR A 178 -7.10 -0.21 23.89
N LEU A 179 -6.88 1.10 24.12
CA LEU A 179 -7.13 2.09 23.07
C LEU A 179 -5.93 2.01 22.08
N ILE A 180 -6.25 1.83 20.82
CA ILE A 180 -5.26 1.73 19.72
C ILE A 180 -5.45 2.76 18.62
N CYS A 181 -4.44 3.64 18.41
CA CYS A 181 -4.67 4.70 17.45
C CYS A 181 -3.36 4.97 16.77
N GLY A 182 -3.30 6.02 15.93
CA GLY A 182 -2.02 6.28 15.22
C GLY A 182 -1.93 7.72 14.79
N THR A 183 -0.71 8.14 14.43
CA THR A 183 -0.55 9.51 13.96
C THR A 183 0.15 9.40 12.62
N ARG A 184 -0.09 10.30 11.70
CA ARG A 184 0.59 10.25 10.45
C ARG A 184 1.16 11.64 10.23
N TYR A 185 2.44 11.75 9.97
CA TYR A 185 3.01 13.06 9.66
C TYR A 185 4.08 12.95 8.60
N GLY A 186 4.54 14.03 8.00
CA GLY A 186 5.57 13.92 6.94
C GLY A 186 6.95 13.94 7.55
N ASN A 187 7.98 13.83 6.71
CA ASN A 187 9.35 14.11 7.13
C ASN A 187 9.48 15.33 8.00
N VAL A 188 10.26 15.16 9.05
CA VAL A 188 10.54 16.17 9.99
C VAL A 188 11.73 17.04 9.46
N MET A 189 11.61 18.34 9.60
CA MET A 189 12.63 19.29 9.18
C MET A 189 13.93 19.02 9.93
N ALA A 190 15.05 19.09 9.20
CA ALA A 190 16.35 18.83 9.76
C ALA A 190 16.62 17.41 10.33
N SER A 191 15.76 16.45 10.10
CA SER A 191 16.12 15.08 10.45
C SER A 191 17.38 14.56 9.72
N ARG A 192 18.06 13.64 10.43
CA ARG A 192 19.22 12.91 9.88
C ARG A 192 19.02 12.52 8.39
N GLY A 193 19.83 13.06 7.50
CA GLY A 193 19.80 12.53 6.13
C GLY A 193 18.82 13.26 5.23
N SER A 194 18.07 14.24 5.77
CA SER A 194 16.99 14.91 5.06
C SER A 194 17.58 16.09 4.27
N VAL A 195 16.77 16.79 3.51
CA VAL A 195 17.25 17.72 2.52
C VAL A 195 17.79 19.00 3.16
N ILE A 196 17.29 19.41 4.33
CA ILE A 196 17.81 20.65 4.93
C ILE A 196 19.30 20.57 5.34
N PRO A 197 19.66 19.49 6.05
CA PRO A 197 21.07 19.36 6.36
C PRO A 197 21.88 19.07 5.07
N LEU A 198 21.28 18.36 4.10
CA LEU A 198 21.95 18.19 2.80
C LEU A 198 22.30 19.53 2.18
N PHE A 199 21.30 20.42 2.12
CA PHE A 199 21.51 21.71 1.46
C PHE A 199 22.52 22.56 2.23
N ILE A 200 22.31 22.74 3.55
CA ILE A 200 23.31 23.41 4.41
C ILE A 200 24.72 22.86 4.22
N ASP A 201 24.89 21.52 4.12
CA ASP A 201 26.27 21.00 3.87
C ASP A 201 26.83 21.44 2.51
N LYS A 202 25.95 21.49 1.50
CA LYS A 202 26.31 21.81 0.16
C LYS A 202 26.76 23.28 0.16
N ILE A 203 26.09 24.11 0.97
CA ILE A 203 26.39 25.54 1.06
C ILE A 203 27.79 25.66 1.64
N LYS A 204 27.94 25.10 2.82
CA LYS A 204 29.20 25.22 3.53
C LYS A 204 30.35 24.70 2.71
N ALA A 205 30.15 23.65 1.93
CA ALA A 205 31.23 23.13 1.12
C ALA A 205 31.42 23.89 -0.19
N GLY A 206 30.65 24.96 -0.41
CA GLY A 206 30.65 25.68 -1.68
C GLY A 206 30.30 24.83 -2.90
N GLU A 207 29.46 23.82 -2.73
CA GLU A 207 29.00 23.01 -3.87
C GLU A 207 27.58 23.37 -4.32
N PRO A 208 27.18 22.99 -5.56
CA PRO A 208 25.83 23.31 -6.00
C PRO A 208 24.79 22.48 -5.24
N LEU A 209 23.61 23.05 -5.08
CA LEU A 209 22.50 22.43 -4.36
C LEU A 209 21.81 21.53 -5.35
N THR A 210 21.69 20.26 -4.97
CA THR A 210 21.10 19.34 -5.90
C THR A 210 19.63 19.27 -5.60
N ILE A 211 18.86 19.79 -6.54
CA ILE A 211 17.42 19.83 -6.40
C ILE A 211 16.87 18.81 -7.38
N THR A 212 15.94 17.99 -6.90
CA THR A 212 15.32 16.96 -7.73
C THR A 212 14.29 17.56 -8.71
N ASP A 213 13.25 18.18 -8.11
CA ASP A 213 12.20 18.86 -8.84
C ASP A 213 11.80 20.10 -8.02
N PRO A 214 12.11 21.33 -8.55
CA PRO A 214 11.96 22.51 -7.67
C PRO A 214 10.51 22.77 -7.34
N ASP A 215 9.60 22.18 -8.10
CA ASP A 215 8.15 22.39 -7.90
C ASP A 215 7.48 21.32 -6.99
N MET A 216 8.26 20.34 -6.56
CA MET A 216 7.77 19.44 -5.52
C MET A 216 7.39 20.25 -4.31
N THR A 217 6.30 19.86 -3.66
CA THR A 217 5.94 20.42 -2.40
C THR A 217 5.98 19.29 -1.35
N ARG A 218 6.38 19.66 -0.13
CA ARG A 218 6.41 18.76 1.06
C ARG A 218 5.86 19.58 2.25
N PHE A 219 5.06 18.95 3.12
CA PHE A 219 4.58 19.51 4.38
C PHE A 219 5.82 19.83 5.21
N LEU A 220 5.77 20.91 5.96
CA LEU A 220 6.85 21.29 6.84
C LEU A 220 6.41 21.07 8.28
N MET A 221 7.14 20.25 8.99
CA MET A 221 6.87 19.81 10.36
C MET A 221 8.22 19.81 11.10
N SER A 222 8.32 20.48 12.26
CA SER A 222 9.54 20.36 13.03
C SER A 222 9.46 19.08 13.87
N LEU A 223 10.55 18.75 14.60
CA LEU A 223 10.54 17.61 15.47
C LEU A 223 9.55 17.82 16.65
N GLU A 224 9.53 19.05 17.15
CA GLU A 224 8.68 19.39 18.23
C GLU A 224 7.19 19.33 17.74
N ASP A 225 6.88 19.78 16.51
CA ASP A 225 5.53 19.58 15.92
C ASP A 225 5.11 18.11 16.00
N ALA A 226 6.00 17.26 15.55
CA ALA A 226 5.75 15.85 15.47
C ALA A 226 5.54 15.29 16.85
N VAL A 227 6.40 15.66 17.81
CA VAL A 227 6.25 15.21 19.19
C VAL A 227 4.88 15.70 19.70
N GLU A 228 4.48 16.97 19.41
CA GLU A 228 3.13 17.48 19.86
C GLU A 228 1.90 16.69 19.31
N LEU A 229 2.01 16.26 18.07
CA LEU A 229 1.02 15.39 17.41
C LEU A 229 0.88 14.07 18.17
N VAL A 230 2.01 13.37 18.44
CA VAL A 230 1.93 12.19 19.29
C VAL A 230 1.28 12.44 20.65
N VAL A 231 1.67 13.51 21.32
CA VAL A 231 1.08 13.86 22.65
C VAL A 231 -0.45 14.20 22.47
N HIS A 232 -0.81 14.81 21.34
CA HIS A 232 -2.22 15.16 21.07
C HIS A 232 -3.05 13.87 20.96
N ALA A 233 -2.56 12.91 20.17
CA ALA A 233 -3.16 11.53 20.12
C ALA A 233 -3.23 10.85 21.50
N PHE A 234 -2.12 10.76 22.20
CA PHE A 234 -2.12 10.23 23.57
C PHE A 234 -3.21 10.88 24.45
N LYS A 235 -3.38 12.19 24.37
CA LYS A 235 -4.44 12.79 25.22
C LYS A 235 -5.84 12.54 24.66
N HIS A 236 -6.02 12.55 23.35
CA HIS A 236 -7.38 12.85 22.76
C HIS A 236 -7.86 11.85 21.76
N ALA A 237 -6.98 10.98 21.26
CA ALA A 237 -7.42 10.09 20.16
C ALA A 237 -8.42 9.13 20.79
N GLU A 238 -9.44 8.72 20.04
CA GLU A 238 -10.25 7.53 20.42
C GLU A 238 -9.69 6.27 19.69
N THR A 239 -10.15 5.08 20.12
CA THR A 239 -9.65 3.86 19.53
C THR A 239 -10.04 3.79 18.03
N GLY A 240 -9.09 3.35 17.17
CA GLY A 240 -9.32 3.41 15.75
C GLY A 240 -8.89 4.72 15.05
N ASP A 241 -8.69 5.82 15.82
CA ASP A 241 -8.38 7.11 15.17
C ASP A 241 -7.04 7.15 14.51
N ILE A 242 -6.99 7.79 13.31
CA ILE A 242 -5.73 8.35 12.77
C ILE A 242 -5.72 9.85 12.94
N MET A 243 -4.69 10.36 13.60
CA MET A 243 -4.60 11.79 13.88
C MET A 243 -3.55 12.42 12.95
N VAL A 244 -3.84 13.58 12.37
CA VAL A 244 -2.84 14.30 11.55
C VAL A 244 -2.80 15.78 12.03
N GLN A 245 -1.64 16.44 11.94
CA GLN A 245 -1.51 17.82 12.35
C GLN A 245 -1.65 18.63 11.10
N LYS A 246 -2.49 19.68 11.13
CA LYS A 246 -2.57 20.57 9.98
C LYS A 246 -1.20 21.23 9.79
N ALA A 247 -0.73 21.37 8.54
CA ALA A 247 0.65 21.95 8.37
C ALA A 247 0.78 22.71 7.04
N PRO A 248 1.62 23.74 6.98
CA PRO A 248 1.86 24.42 5.69
C PRO A 248 2.91 23.58 4.91
N SER A 249 3.24 23.99 3.69
CA SER A 249 4.13 23.22 2.91
C SER A 249 5.07 24.21 2.20
N SER A 250 6.11 23.73 1.54
CA SER A 250 6.80 24.62 0.58
C SER A 250 7.25 23.85 -0.64
N THR A 251 7.66 24.61 -1.64
CA THR A 251 8.15 23.93 -2.78
C THR A 251 9.60 23.71 -2.42
N VAL A 252 10.22 22.73 -3.05
CA VAL A 252 11.62 22.50 -2.80
C VAL A 252 12.52 23.62 -3.28
N GLY A 253 12.22 24.20 -4.45
CA GLY A 253 12.95 25.45 -4.88
C GLY A 253 12.94 26.63 -3.90
N ASP A 254 11.80 26.91 -3.28
CA ASP A 254 11.78 27.96 -2.26
C ASP A 254 12.54 27.62 -0.97
N LEU A 255 12.50 26.33 -0.55
CA LEU A 255 13.30 25.92 0.57
C LEU A 255 14.81 26.15 0.32
N ALA A 256 15.24 25.87 -0.91
CA ALA A 256 16.63 26.12 -1.32
C ALA A 256 16.90 27.63 -1.29
N THR A 257 16.03 28.41 -1.93
CA THR A 257 16.20 29.86 -1.92
C THR A 257 16.32 30.36 -0.47
N ALA A 258 15.40 29.91 0.40
CA ALA A 258 15.36 30.41 1.79
C ALA A 258 16.71 30.15 2.48
N LEU A 259 17.28 28.95 2.25
CA LEU A 259 18.53 28.62 2.93
C LEU A 259 19.68 29.42 2.30
N LEU A 260 19.68 29.51 0.97
CA LEU A 260 20.64 30.29 0.26
C LEU A 260 20.67 31.75 0.83
N GLU A 261 19.51 32.35 1.07
CA GLU A 261 19.41 33.66 1.69
C GLU A 261 19.81 33.72 3.16
N LEU A 262 19.24 32.88 4.02
CA LEU A 262 19.73 32.87 5.39
C LEU A 262 21.27 32.77 5.45
N PHE A 263 21.89 31.94 4.62
CA PHE A 263 23.35 31.73 4.69
C PHE A 263 24.18 32.76 3.84
N GLU A 264 23.47 33.72 3.22
CA GLU A 264 24.04 34.76 2.35
C GLU A 264 25.01 34.12 1.39
N ALA A 265 24.52 33.11 0.69
CA ALA A 265 25.37 32.21 -0.07
C ALA A 265 24.96 32.23 -1.53
N ASP A 266 25.91 31.95 -2.39
CA ASP A 266 25.63 32.11 -3.79
C ASP A 266 25.80 30.83 -4.58
N ASN A 267 25.83 29.69 -3.90
CA ASN A 267 25.96 28.40 -4.62
C ASN A 267 24.97 28.29 -5.81
N ALA A 268 25.40 27.68 -6.93
CA ALA A 268 24.47 27.39 -8.00
C ALA A 268 23.39 26.31 -7.53
N ILE A 269 22.31 26.23 -8.28
CA ILE A 269 21.38 25.11 -8.18
C ILE A 269 21.64 24.13 -9.33
N GLU A 270 21.67 22.86 -9.02
CA GLU A 270 21.74 21.84 -10.08
C GLU A 270 20.49 20.95 -10.02
N ILE A 271 19.80 20.77 -11.14
CA ILE A 271 18.57 19.99 -11.19
C ILE A 271 18.97 18.56 -11.49
N ILE A 272 18.71 17.63 -10.59
CA ILE A 272 19.11 16.24 -10.85
C ILE A 272 17.91 15.41 -11.32
N GLY A 273 16.70 15.94 -11.26
CA GLY A 273 15.48 15.17 -11.68
C GLY A 273 14.80 14.38 -10.53
N THR A 274 13.55 13.97 -10.77
CA THR A 274 12.87 13.14 -9.75
C THR A 274 13.59 11.75 -9.55
N ARG A 275 13.88 11.36 -8.30
CA ARG A 275 14.48 10.05 -7.95
C ARG A 275 13.36 8.96 -7.98
N HIS A 276 13.72 7.69 -8.05
CA HIS A 276 12.78 6.60 -7.91
C HIS A 276 12.10 6.70 -6.57
N GLY A 277 10.83 6.26 -6.50
CA GLY A 277 10.24 6.10 -5.14
C GLY A 277 9.73 7.46 -4.62
N GLU A 278 9.61 8.47 -5.43
CA GLU A 278 9.09 9.71 -4.86
C GLU A 278 8.06 10.43 -5.70
N LYS A 279 7.19 11.14 -4.99
CA LYS A 279 6.04 11.85 -5.55
C LYS A 279 6.36 13.34 -5.67
N LYS A 280 5.65 13.99 -6.56
CA LYS A 280 5.65 15.40 -6.68
C LYS A 280 5.14 16.16 -5.41
N ALA A 281 4.06 15.68 -4.83
CA ALA A 281 3.34 16.27 -3.71
C ALA A 281 2.97 15.09 -2.71
N GLU A 282 2.99 15.37 -1.40
CA GLU A 282 2.54 14.37 -0.45
C GLU A 282 1.14 14.63 -0.01
N THR A 283 0.45 13.50 0.19
CA THR A 283 -0.89 13.48 0.68
C THR A 283 -0.90 13.17 2.17
N LEU A 284 -1.61 14.00 2.94
CA LEU A 284 -1.80 13.68 4.36
C LEU A 284 -3.16 13.05 4.70
N LEU A 285 -4.20 13.36 3.93
CA LEU A 285 -5.47 12.68 4.08
C LEU A 285 -5.97 12.36 2.69
N THR A 286 -6.32 11.10 2.43
CA THR A 286 -6.94 10.77 1.13
C THR A 286 -8.34 11.41 1.03
N ARG A 287 -9.04 11.28 -0.12
CA ARG A 287 -10.39 11.80 -0.25
C ARG A 287 -11.38 11.20 0.79
N GLU A 288 -11.38 9.87 0.96
CA GLU A 288 -12.31 9.27 1.85
C GLU A 288 -12.05 9.75 3.33
N GLU A 289 -10.78 9.87 3.71
CA GLU A 289 -10.38 10.31 5.08
C GLU A 289 -10.81 11.76 5.29
N TYR A 290 -10.50 12.62 4.33
CA TYR A 290 -10.97 14.03 4.42
C TYR A 290 -12.50 14.09 4.61
N ALA A 291 -13.24 13.37 3.78
CA ALA A 291 -14.72 13.42 3.85
C ALA A 291 -15.20 13.02 5.25
N GLN A 292 -14.48 12.14 5.92
CA GLN A 292 -15.00 11.54 7.16
C GLN A 292 -14.42 12.12 8.42
N CYS A 293 -13.39 12.91 8.26
CA CYS A 293 -12.61 13.38 9.39
C CYS A 293 -13.34 14.44 10.27
N GLU A 294 -12.91 14.63 11.52
CA GLU A 294 -13.38 15.69 12.34
C GLU A 294 -12.25 16.68 12.52
N ASP A 295 -12.64 17.95 12.53
CA ASP A 295 -11.72 19.03 12.63
C ASP A 295 -11.56 19.33 14.10
N MET A 296 -10.39 19.08 14.63
CA MET A 296 -10.19 19.36 16.05
C MET A 296 -9.53 20.72 16.20
N GLY A 297 -9.28 21.42 15.12
CA GLY A 297 -8.65 22.69 15.28
C GLY A 297 -7.37 22.75 14.47
N ASP A 298 -6.27 22.42 15.13
CA ASP A 298 -5.02 22.37 14.39
C ASP A 298 -4.77 20.95 13.97
N TYR A 299 -5.76 20.04 14.17
CA TYR A 299 -5.56 18.58 13.91
C TYR A 299 -6.80 18.09 13.22
N PHE A 300 -6.64 17.11 12.39
CA PHE A 300 -7.79 16.33 11.90
C PHE A 300 -7.76 14.93 12.57
N ARG A 301 -8.94 14.45 12.95
N ARG A 301 -8.90 14.45 13.08
CA ARG A 301 -9.14 13.09 13.46
CA ARG A 301 -9.02 13.03 13.48
C ARG A 301 -9.88 12.25 12.40
C ARG A 301 -9.85 12.23 12.47
N VAL A 302 -9.28 11.14 11.93
CA VAL A 302 -9.99 10.22 11.05
C VAL A 302 -10.57 9.09 11.91
N PRO A 303 -11.90 9.08 12.20
CA PRO A 303 -12.45 7.97 13.01
C PRO A 303 -12.41 6.66 12.23
N ALA A 304 -12.28 5.55 12.94
CA ALA A 304 -12.40 4.23 12.27
C ALA A 304 -13.88 4.05 11.84
N ASP A 305 -14.15 3.59 10.63
CA ASP A 305 -15.54 3.29 10.19
C ASP A 305 -15.96 1.87 10.63
N SER A 306 -17.28 1.62 10.61
CA SER A 306 -17.91 0.30 10.76
C SER A 306 -17.38 -0.49 11.92
N ARG A 307 -17.40 0.14 13.09
CA ARG A 307 -16.96 -0.50 14.35
C ARG A 307 -17.67 -1.82 14.71
N ASP A 308 -18.85 -2.01 14.15
CA ASP A 308 -19.63 -3.23 14.44
C ASP A 308 -19.45 -4.29 13.35
N LEU A 309 -18.45 -4.10 12.44
CA LEU A 309 -18.09 -5.10 11.41
C LEU A 309 -19.23 -5.28 10.40
N ASN A 310 -20.00 -4.23 10.17
CA ASN A 310 -21.01 -4.37 9.16
C ASN A 310 -20.43 -4.03 7.81
N TYR A 311 -20.72 -4.87 6.82
CA TYR A 311 -20.13 -4.74 5.49
C TYR A 311 -20.95 -3.76 4.61
N SER A 312 -22.14 -3.37 5.00
CA SER A 312 -22.98 -2.63 4.01
C SER A 312 -22.47 -1.26 3.56
N ASN A 313 -21.62 -0.59 4.33
CA ASN A 313 -20.95 0.67 3.89
C ASN A 313 -19.96 0.50 2.75
N TYR A 314 -19.53 -0.76 2.56
CA TYR A 314 -18.67 -1.12 1.48
C TYR A 314 -19.42 -1.63 0.23
N VAL A 315 -20.65 -2.10 0.40
CA VAL A 315 -21.34 -2.84 -0.68
C VAL A 315 -22.64 -2.15 -1.09
N GLU A 316 -23.59 -2.01 -0.17
CA GLU A 316 -24.97 -1.54 -0.54
C GLU A 316 -25.23 -0.04 -0.31
N THR A 317 -24.47 0.62 0.56
CA THR A 317 -24.83 1.98 0.92
C THR A 317 -23.60 2.86 0.74
N GLY A 318 -23.80 4.01 0.14
CA GLY A 318 -22.68 4.85 -0.15
C GLY A 318 -22.91 6.19 0.45
N ASN A 319 -22.05 7.16 0.16
CA ASN A 319 -22.16 8.44 0.81
C ASN A 319 -21.79 9.52 -0.17
N GLU A 320 -22.71 10.46 -0.40
CA GLU A 320 -22.51 11.53 -1.42
C GLU A 320 -21.42 12.52 -0.96
N LYS A 321 -21.21 12.60 0.34
CA LYS A 321 -20.14 13.42 0.93
C LYS A 321 -18.73 12.92 0.53
N ILE A 322 -18.52 11.59 0.41
CA ILE A 322 -17.23 11.10 -0.12
C ILE A 322 -17.09 11.57 -1.55
N THR A 323 -18.17 11.47 -2.33
CA THR A 323 -18.16 11.80 -3.75
C THR A 323 -17.65 13.23 -4.06
N GLN A 324 -18.12 14.23 -3.33
CA GLN A 324 -17.64 15.57 -3.69
C GLN A 324 -16.52 16.05 -2.75
N SER A 325 -15.90 15.15 -1.96
CA SER A 325 -14.66 15.53 -1.24
C SER A 325 -13.43 15.51 -2.14
N TYR A 326 -12.40 16.26 -1.75
CA TYR A 326 -11.02 15.98 -2.24
C TYR A 326 -10.04 15.76 -1.06
N GLU A 327 -8.76 15.79 -1.34
CA GLU A 327 -7.76 15.19 -0.50
C GLU A 327 -6.99 16.35 0.10
N TYR A 328 -6.34 16.13 1.24
CA TYR A 328 -5.54 17.16 1.91
C TYR A 328 -4.10 16.86 1.58
N ASN A 329 -3.46 17.77 0.85
CA ASN A 329 -2.11 17.50 0.40
C ASN A 329 -1.25 18.76 0.40
N SER A 330 0.03 18.61 0.12
CA SER A 330 1.05 19.69 0.23
C SER A 330 0.93 20.75 -0.87
N ASP A 331 0.12 20.45 -1.91
CA ASP A 331 -0.27 21.49 -2.88
C ASP A 331 -1.49 22.29 -2.44
N ASN A 332 -2.45 21.76 -1.65
CA ASN A 332 -3.60 22.55 -1.33
C ASN A 332 -3.64 23.10 0.08
N THR A 333 -2.65 22.80 0.94
CA THR A 333 -2.53 23.60 2.15
C THR A 333 -1.96 24.99 1.77
N HIS A 334 -1.64 25.72 2.81
CA HIS A 334 -0.90 26.93 2.66
C HIS A 334 0.57 26.68 2.30
N ILE A 335 0.95 27.13 1.12
CA ILE A 335 2.32 27.01 0.63
C ILE A 335 3.10 28.22 1.06
N LEU A 336 4.16 28.02 1.83
CA LEU A 336 4.82 29.18 2.40
C LEU A 336 5.59 29.95 1.33
N THR A 337 5.62 31.23 1.55
CA THR A 337 6.53 32.06 0.89
C THR A 337 7.99 31.87 1.33
N VAL A 338 8.95 32.31 0.49
CA VAL A 338 10.36 32.26 0.87
C VAL A 338 10.63 32.85 2.27
N GLU A 339 10.06 34.01 2.54
CA GLU A 339 10.24 34.69 3.80
C GLU A 339 9.52 33.93 4.92
N GLU A 340 8.37 33.29 4.66
CA GLU A 340 7.74 32.48 5.71
C GLU A 340 8.62 31.25 6.01
N ILE A 341 9.26 30.66 5.00
CA ILE A 341 10.10 29.46 5.17
C ILE A 341 11.32 29.84 6.05
N LYS A 342 11.89 31.04 5.81
CA LYS A 342 13.03 31.48 6.61
C LYS A 342 12.59 31.66 8.07
N GLU A 343 11.40 32.25 8.28
CA GLU A 343 10.85 32.37 9.64
C GLU A 343 10.73 30.97 10.25
N LYS A 344 10.21 29.99 9.51
CA LYS A 344 10.10 28.66 10.13
C LYS A 344 11.47 28.05 10.36
N LEU A 345 12.37 28.17 9.38
CA LEU A 345 13.69 27.56 9.48
C LEU A 345 14.40 28.09 10.73
N LEU A 346 14.17 29.39 11.07
CA LEU A 346 14.83 30.02 12.21
C LEU A 346 14.35 29.55 13.56
N THR A 347 13.15 28.94 13.61
CA THR A 347 12.69 28.30 14.87
C THR A 347 13.50 27.02 15.23
N LEU A 348 14.33 26.50 14.35
CA LEU A 348 15.00 25.23 14.59
C LEU A 348 16.39 25.52 15.11
N GLU A 349 16.73 24.90 16.25
CA GLU A 349 18.00 25.17 16.87
C GLU A 349 19.10 24.65 15.96
N TYR A 350 18.82 23.62 15.17
CA TYR A 350 19.83 23.04 14.28
C TYR A 350 20.27 24.09 13.25
N VAL A 351 19.28 24.83 12.74
CA VAL A 351 19.51 25.85 11.70
C VAL A 351 20.25 27.01 12.34
N ARG A 352 19.77 27.50 13.49
CA ARG A 352 20.50 28.53 14.27
C ARG A 352 21.99 28.14 14.54
N ASN A 353 22.23 26.95 15.08
CA ASN A 353 23.64 26.54 15.33
C ASN A 353 24.47 26.53 14.06
N GLU A 354 23.92 26.00 12.96
CA GLU A 354 24.65 25.93 11.68
C GLU A 354 25.00 27.32 11.19
N LEU A 355 24.06 28.23 11.38
CA LEU A 355 24.18 29.60 10.94
C LEU A 355 25.18 30.34 11.81
N ASN A 356 25.08 30.13 13.12
CA ASN A 356 26.03 30.73 14.04
C ASN A 356 27.43 30.29 13.72
N ASP A 357 27.65 28.99 13.65
CA ASP A 357 28.97 28.44 13.31
C ASP A 357 29.49 28.91 11.96
N TYR A 358 28.59 29.41 11.11
CA TYR A 358 28.97 29.84 9.76
C TYR A 358 29.81 31.15 9.58
N LYS A 359 29.68 32.17 10.45
CA LYS A 359 30.81 33.15 10.61
C LYS A 359 31.68 32.89 11.85
N GLY B 13 -1.93 -17.71 -29.57
CA GLY B 13 -1.25 -19.01 -29.31
C GLY B 13 -0.57 -18.83 -27.96
N LEU B 14 0.03 -19.92 -27.46
CA LEU B 14 0.67 -19.97 -26.14
C LEU B 14 2.16 -19.81 -26.24
N VAL B 15 2.64 -19.72 -27.48
CA VAL B 15 4.06 -19.74 -27.86
C VAL B 15 4.35 -18.48 -28.70
N PRO B 16 5.40 -17.71 -28.37
CA PRO B 16 5.72 -16.58 -29.25
C PRO B 16 5.84 -17.05 -30.69
N ARG B 17 5.49 -16.21 -31.63
CA ARG B 17 5.93 -16.46 -33.00
C ARG B 17 7.40 -16.74 -33.19
N GLY B 18 7.66 -17.68 -34.08
CA GLY B 18 9.00 -18.24 -34.42
C GLY B 18 9.66 -18.93 -33.24
N SER B 19 8.88 -19.22 -32.20
CA SER B 19 9.51 -19.85 -31.04
C SER B 19 9.53 -21.41 -31.07
N ALA B 20 10.69 -21.94 -30.63
CA ALA B 20 10.95 -23.39 -30.49
C ALA B 20 10.35 -23.98 -29.19
N MET B 21 9.11 -23.63 -28.86
CA MET B 21 8.51 -24.09 -27.60
C MET B 21 7.47 -25.24 -27.73
N GLY B 22 7.66 -26.29 -26.92
CA GLY B 22 6.81 -27.50 -26.84
C GLY B 22 6.37 -27.76 -25.37
N PHE B 23 5.12 -28.15 -25.16
CA PHE B 23 4.64 -28.27 -23.79
C PHE B 23 4.55 -29.73 -23.34
N ASP B 24 4.97 -30.62 -24.26
CA ASP B 24 4.87 -32.09 -24.15
C ASP B 24 5.40 -32.55 -22.84
N ASP B 25 6.50 -32.00 -22.40
CA ASP B 25 6.95 -32.56 -21.14
C ASP B 25 6.73 -31.56 -19.96
N LYS B 26 5.96 -30.48 -20.12
CA LYS B 26 5.89 -29.47 -19.05
C LYS B 26 4.68 -29.55 -18.14
N ILE B 27 4.88 -29.05 -16.92
CA ILE B 27 3.85 -29.05 -15.87
C ILE B 27 3.58 -27.61 -15.42
N LEU B 28 2.33 -27.22 -15.41
CA LEU B 28 1.86 -25.88 -15.04
C LEU B 28 1.17 -26.06 -13.68
N LEU B 29 1.45 -25.20 -12.72
CA LEU B 29 0.72 -25.22 -11.45
C LEU B 29 -0.14 -24.01 -11.41
N ILE B 30 -1.44 -24.12 -11.03
CA ILE B 30 -2.21 -22.88 -10.88
C ILE B 30 -2.60 -22.77 -9.40
N THR B 31 -2.16 -21.74 -8.69
CA THR B 31 -2.72 -21.57 -7.29
C THR B 31 -3.97 -20.75 -7.41
N GLY B 32 -4.89 -20.93 -6.49
CA GLY B 32 -6.16 -20.31 -6.56
C GLY B 32 -6.80 -20.98 -7.77
N GLY B 33 -6.58 -22.28 -7.94
CA GLY B 33 -6.89 -22.79 -9.28
C GLY B 33 -8.38 -23.04 -9.54
N THR B 34 -9.18 -22.99 -8.46
CA THR B 34 -10.58 -23.22 -8.55
C THR B 34 -11.38 -21.94 -8.73
N GLY B 35 -10.72 -20.78 -8.57
CA GLY B 35 -11.37 -19.43 -8.73
C GLY B 35 -11.67 -19.24 -10.21
N SER B 36 -12.45 -18.23 -10.58
CA SER B 36 -12.90 -18.17 -12.00
C SER B 36 -11.75 -17.80 -13.01
N PHE B 37 -10.78 -17.01 -12.59
CA PHE B 37 -9.63 -16.81 -13.50
C PHE B 37 -8.79 -18.10 -13.67
N GLY B 38 -8.41 -18.72 -12.54
CA GLY B 38 -7.69 -19.98 -12.51
C GLY B 38 -8.41 -20.87 -13.47
N ASN B 39 -9.71 -20.87 -13.40
CA ASN B 39 -10.48 -21.71 -14.33
C ASN B 39 -10.41 -21.38 -15.82
N ALA B 40 -10.52 -20.11 -16.19
CA ALA B 40 -10.34 -19.78 -17.65
C ALA B 40 -8.89 -20.04 -18.10
N VAL B 41 -7.91 -19.77 -17.24
CA VAL B 41 -6.52 -20.11 -17.64
C VAL B 41 -6.31 -21.64 -17.93
N MET B 42 -6.78 -22.45 -16.98
CA MET B 42 -6.82 -23.89 -17.15
C MET B 42 -7.40 -24.28 -18.52
N LYS B 43 -8.56 -23.73 -18.87
CA LYS B 43 -9.20 -24.08 -20.18
C LYS B 43 -8.31 -23.65 -21.34
N ARG B 44 -7.72 -22.46 -21.24
CA ARG B 44 -6.78 -22.09 -22.28
C ARG B 44 -5.65 -23.13 -22.46
N PHE B 45 -5.01 -23.60 -21.37
CA PHE B 45 -3.89 -24.55 -21.54
C PHE B 45 -4.27 -25.98 -21.85
N LEU B 46 -5.53 -26.32 -21.53
CA LEU B 46 -6.01 -27.66 -21.85
C LEU B 46 -5.95 -27.81 -23.40
N ASP B 47 -6.14 -26.69 -24.13
CA ASP B 47 -5.98 -26.72 -25.57
C ASP B 47 -4.52 -26.61 -26.03
N SER B 48 -3.66 -27.50 -25.56
CA SER B 48 -2.22 -27.41 -25.81
C SER B 48 -1.73 -28.80 -25.54
N ASN B 49 -0.48 -29.06 -25.82
CA ASN B 49 0.06 -30.39 -25.49
C ASN B 49 0.70 -30.44 -24.08
N ILE B 50 0.35 -29.50 -23.18
CA ILE B 50 0.98 -29.50 -21.84
C ILE B 50 0.77 -30.90 -21.22
N LYS B 51 1.76 -31.40 -20.50
CA LYS B 51 1.57 -32.70 -19.86
C LYS B 51 0.61 -32.74 -18.66
N GLU B 52 0.75 -31.77 -17.78
CA GLU B 52 -0.07 -31.81 -16.57
C GLU B 52 -0.43 -30.34 -16.18
N ILE B 53 -1.66 -30.16 -15.71
CA ILE B 53 -2.05 -28.88 -15.15
C ILE B 53 -2.45 -29.17 -13.74
N ARG B 54 -1.70 -28.66 -12.77
CA ARG B 54 -2.06 -28.90 -11.39
C ARG B 54 -2.94 -27.78 -10.84
N ILE B 55 -4.07 -28.18 -10.32
CA ILE B 55 -5.00 -27.22 -9.75
C ILE B 55 -4.78 -27.27 -8.23
N PHE B 56 -4.40 -26.15 -7.59
CA PHE B 56 -3.91 -26.18 -6.20
C PHE B 56 -4.82 -25.23 -5.40
N SER B 57 -5.47 -25.75 -4.35
CA SER B 57 -6.37 -24.88 -3.60
C SER B 57 -6.84 -25.72 -2.44
N ARG B 58 -7.53 -25.06 -1.52
CA ARG B 58 -8.02 -25.74 -0.36
C ARG B 58 -9.42 -26.32 -0.61
N ASP B 59 -10.00 -26.11 -1.77
CA ASP B 59 -11.47 -26.32 -1.89
C ASP B 59 -11.77 -27.67 -2.50
N GLU B 60 -12.00 -28.67 -1.67
CA GLU B 60 -12.05 -30.05 -2.17
C GLU B 60 -13.30 -30.23 -3.07
N LYS B 61 -14.34 -29.45 -2.77
N LYS B 61 -14.41 -29.60 -2.73
CA LYS B 61 -15.55 -29.41 -3.58
CA LYS B 61 -15.63 -29.94 -3.46
C LYS B 61 -15.35 -28.83 -4.98
C LYS B 61 -15.63 -29.33 -4.86
N LYS B 62 -14.92 -27.58 -5.04
N LYS B 62 -15.14 -28.10 -4.98
CA LYS B 62 -14.62 -26.96 -6.32
CA LYS B 62 -14.96 -27.48 -6.28
C LYS B 62 -13.75 -27.92 -7.16
C LYS B 62 -13.90 -28.20 -7.13
N GLN B 63 -12.77 -28.57 -6.51
CA GLN B 63 -11.81 -29.41 -7.27
C GLN B 63 -12.56 -30.61 -7.88
N ASP B 64 -13.46 -31.22 -7.10
CA ASP B 64 -14.14 -32.40 -7.57
C ASP B 64 -15.15 -32.03 -8.71
N ASP B 65 -15.88 -30.91 -8.58
CA ASP B 65 -16.73 -30.39 -9.69
C ASP B 65 -15.90 -30.18 -10.99
N ILE B 66 -14.74 -29.56 -10.88
CA ILE B 66 -13.90 -29.41 -12.06
C ILE B 66 -13.44 -30.73 -12.65
N ARG B 67 -12.95 -31.60 -11.78
CA ARG B 67 -12.47 -32.88 -12.20
C ARG B 67 -13.57 -33.59 -13.04
N LYS B 68 -14.81 -33.57 -12.54
CA LYS B 68 -15.94 -34.29 -13.17
C LYS B 68 -16.36 -33.55 -14.43
N LYS B 69 -16.34 -32.21 -14.38
CA LYS B 69 -16.72 -31.38 -15.51
C LYS B 69 -15.81 -31.65 -16.71
N TYR B 70 -14.49 -31.64 -16.50
CA TYR B 70 -13.53 -31.65 -17.63
C TYR B 70 -13.15 -33.04 -18.01
N ASN B 71 -13.21 -33.92 -17.04
CA ASN B 71 -12.80 -35.29 -17.24
C ASN B 71 -11.57 -35.49 -18.15
N ASN B 72 -10.48 -34.85 -17.79
CA ASN B 72 -9.32 -34.70 -18.72
C ASN B 72 -8.10 -35.13 -17.92
N SER B 73 -7.37 -36.08 -18.50
CA SER B 73 -6.21 -36.69 -17.85
C SER B 73 -5.06 -35.67 -17.64
N LYS B 74 -5.08 -34.52 -18.32
CA LYS B 74 -4.06 -33.46 -18.06
C LYS B 74 -4.19 -32.87 -16.64
N LEU B 75 -5.40 -32.85 -16.11
CA LEU B 75 -5.71 -32.21 -14.83
C LEU B 75 -5.36 -33.05 -13.63
N LYS B 76 -4.60 -32.46 -12.71
CA LYS B 76 -4.27 -33.02 -11.37
C LYS B 76 -4.75 -32.11 -10.25
N PHE B 77 -5.39 -32.71 -9.21
CA PHE B 77 -5.99 -31.90 -8.16
C PHE B 77 -5.19 -32.04 -6.86
N TYR B 78 -4.50 -30.95 -6.45
CA TYR B 78 -3.73 -30.92 -5.21
C TYR B 78 -4.43 -30.13 -4.13
N ILE B 79 -4.46 -30.67 -2.91
CA ILE B 79 -5.03 -29.88 -1.83
C ILE B 79 -3.86 -29.15 -1.24
N GLY B 80 -4.00 -27.84 -1.10
CA GLY B 80 -3.00 -27.16 -0.28
C GLY B 80 -3.25 -25.68 -0.08
N ASP B 81 -2.33 -25.05 0.61
CA ASP B 81 -2.59 -23.70 1.07
C ASP B 81 -1.30 -22.87 0.75
N VAL B 82 -1.37 -21.73 0.03
CA VAL B 82 -0.21 -20.88 -0.20
C VAL B 82 0.38 -20.38 1.15
N ARG B 83 -0.39 -20.37 2.23
CA ARG B 83 0.15 -19.96 3.50
C ARG B 83 1.08 -20.99 4.11
N ASP B 84 1.11 -22.19 3.57
CA ASP B 84 1.95 -23.20 4.25
C ASP B 84 3.07 -23.62 3.29
N SER B 85 4.36 -23.34 3.57
N SER B 85 4.36 -23.34 3.55
CA SER B 85 5.43 -23.59 2.58
CA SER B 85 5.41 -23.59 2.55
C SER B 85 5.57 -25.10 2.27
C SER B 85 5.56 -25.11 2.26
N GLN B 86 5.29 -25.97 3.24
CA GLN B 86 5.40 -27.42 3.00
C GLN B 86 4.26 -27.90 2.04
N SER B 87 3.06 -27.31 2.17
CA SER B 87 1.92 -27.66 1.33
C SER B 87 2.21 -27.18 -0.13
N VAL B 88 2.79 -25.98 -0.25
CA VAL B 88 3.21 -25.50 -1.55
C VAL B 88 4.34 -26.38 -2.12
N GLU B 89 5.35 -26.72 -1.33
CA GLU B 89 6.45 -27.59 -1.83
C GLU B 89 5.97 -28.86 -2.50
N THR B 90 5.03 -29.59 -1.88
CA THR B 90 4.44 -30.77 -2.41
C THR B 90 3.85 -30.60 -3.84
N ALA B 91 3.04 -29.55 -4.07
CA ALA B 91 2.50 -29.28 -5.38
C ALA B 91 3.57 -28.68 -6.34
N MET B 92 4.69 -28.15 -5.83
CA MET B 92 5.67 -27.42 -6.69
C MET B 92 6.74 -28.37 -7.31
N ARG B 93 6.96 -29.51 -6.69
CA ARG B 93 8.00 -30.42 -7.21
C ARG B 93 7.76 -30.70 -8.70
N ASP B 94 8.79 -30.56 -9.53
CA ASP B 94 8.73 -30.91 -10.99
C ASP B 94 7.96 -29.92 -11.81
N VAL B 95 7.50 -28.82 -11.21
CA VAL B 95 6.65 -27.85 -11.99
C VAL B 95 7.55 -26.98 -12.82
N ASP B 96 7.16 -26.69 -14.06
CA ASP B 96 7.83 -25.67 -14.92
C ASP B 96 7.29 -24.26 -14.83
N TYR B 97 5.97 -24.11 -14.66
CA TYR B 97 5.38 -22.75 -14.74
C TYR B 97 4.31 -22.65 -13.68
N VAL B 98 4.16 -21.44 -13.11
CA VAL B 98 3.13 -21.26 -12.06
C VAL B 98 2.37 -20.03 -12.45
N PHE B 99 1.05 -20.11 -12.44
CA PHE B 99 0.21 -18.93 -12.52
C PHE B 99 -0.30 -18.78 -11.10
N HIS B 100 0.16 -17.77 -10.41
CA HIS B 100 -0.16 -17.63 -8.97
C HIS B 100 -1.41 -16.73 -8.81
N ALA B 101 -2.60 -17.32 -8.65
CA ALA B 101 -3.80 -16.50 -8.61
C ALA B 101 -4.42 -16.59 -7.20
N ALA B 102 -3.85 -17.34 -6.23
CA ALA B 102 -4.48 -17.47 -4.91
C ALA B 102 -4.46 -16.12 -4.28
N ALA B 103 -5.56 -15.68 -3.66
CA ALA B 103 -5.55 -14.34 -3.02
C ALA B 103 -6.81 -14.19 -2.22
N LEU B 104 -6.78 -13.36 -1.18
CA LEU B 104 -8.00 -12.77 -0.63
C LEU B 104 -8.30 -11.53 -1.44
N LYS B 105 -9.41 -11.48 -2.11
CA LYS B 105 -9.58 -10.36 -3.06
C LYS B 105 -10.78 -9.47 -2.86
N GLN B 106 -11.63 -9.77 -1.87
N GLN B 106 -11.61 -9.75 -1.85
CA GLN B 106 -12.76 -8.88 -1.56
CA GLN B 106 -12.74 -8.85 -1.57
C GLN B 106 -12.31 -7.69 -0.77
C GLN B 106 -12.38 -7.70 -0.72
N VAL B 107 -12.75 -6.49 -1.16
CA VAL B 107 -12.44 -5.28 -0.43
C VAL B 107 -12.86 -5.28 1.07
N PRO B 108 -14.15 -5.52 1.35
CA PRO B 108 -14.55 -5.45 2.80
C PRO B 108 -13.91 -6.55 3.68
N SER B 109 -13.85 -7.77 3.16
N SER B 109 -13.85 -7.77 3.15
CA SER B 109 -13.19 -8.87 3.92
CA SER B 109 -13.16 -8.83 3.92
C SER B 109 -11.72 -8.58 4.25
C SER B 109 -11.79 -8.37 4.33
N CYS B 110 -11.00 -7.92 3.35
CA CYS B 110 -9.58 -7.54 3.64
C CYS B 110 -9.55 -6.38 4.56
N GLU B 111 -10.47 -5.43 4.40
CA GLU B 111 -10.48 -4.24 5.25
C GLU B 111 -10.69 -4.59 6.69
N PHE B 112 -11.62 -5.50 6.94
CA PHE B 112 -11.89 -5.93 8.34
C PHE B 112 -10.91 -6.97 8.90
N PHE B 113 -10.28 -7.76 7.98
CA PHE B 113 -9.27 -8.79 8.40
C PHE B 113 -7.93 -8.63 7.65
N PRO B 114 -7.20 -7.49 7.87
CA PRO B 114 -6.01 -7.15 7.04
C PRO B 114 -4.91 -8.11 7.39
N VAL B 115 -4.83 -8.60 8.63
CA VAL B 115 -3.81 -9.65 8.88
C VAL B 115 -4.07 -10.87 7.97
N GLU B 116 -5.33 -11.22 7.79
CA GLU B 116 -5.64 -12.29 6.85
C GLU B 116 -5.20 -11.93 5.45
N ALA B 117 -5.45 -10.71 4.99
CA ALA B 117 -4.97 -10.29 3.66
C ALA B 117 -3.42 -10.43 3.51
N VAL B 118 -2.69 -10.08 4.59
CA VAL B 118 -1.23 -10.12 4.53
C VAL B 118 -0.81 -11.59 4.49
N LYS B 119 -1.42 -12.47 5.26
CA LYS B 119 -0.92 -13.88 5.27
C LYS B 119 -1.17 -14.52 3.92
N THR B 120 -2.31 -14.24 3.26
CA THR B 120 -2.57 -14.90 1.96
C THR B 120 -1.84 -14.17 0.83
N ASN B 121 -1.99 -12.86 0.77
CA ASN B 121 -1.58 -12.14 -0.45
C ASN B 121 -0.13 -11.81 -0.45
N ILE B 122 0.45 -11.58 0.75
CA ILE B 122 1.86 -11.20 0.80
C ILE B 122 2.72 -12.42 1.20
N ILE B 123 2.42 -12.97 2.36
CA ILE B 123 3.30 -14.07 2.80
C ILE B 123 3.04 -15.32 1.91
N GLY B 124 1.79 -15.55 1.56
CA GLY B 124 1.46 -16.61 0.64
C GLY B 124 2.22 -16.50 -0.66
N THR B 125 2.35 -15.30 -1.19
CA THR B 125 3.11 -15.14 -2.43
C THR B 125 4.61 -15.48 -2.19
N GLU B 126 5.22 -14.93 -1.14
CA GLU B 126 6.59 -15.17 -0.84
C GLU B 126 6.82 -16.71 -0.64
N ASN B 127 5.89 -17.45 0.02
CA ASN B 127 6.02 -18.93 0.09
C ASN B 127 6.11 -19.55 -1.34
N VAL B 128 5.21 -19.11 -2.21
CA VAL B 128 5.13 -19.70 -3.55
C VAL B 128 6.42 -19.34 -4.35
N LEU B 129 6.91 -18.08 -4.23
CA LEU B 129 8.18 -17.71 -4.93
C LEU B 129 9.36 -18.51 -4.38
N GLN B 130 9.52 -18.65 -3.05
CA GLN B 130 10.64 -19.35 -2.52
C GLN B 130 10.59 -20.80 -2.92
N SER B 131 9.40 -21.38 -2.91
CA SER B 131 9.33 -22.73 -3.29
C SER B 131 9.57 -22.89 -4.83
N ALA B 132 9.11 -21.96 -5.67
CA ALA B 132 9.28 -22.13 -7.12
C ALA B 132 10.91 -22.03 -7.32
N ILE B 133 11.55 -21.14 -6.58
CA ILE B 133 13.02 -20.93 -6.78
C ILE B 133 13.72 -22.19 -6.36
N HIS B 134 13.26 -22.79 -5.26
CA HIS B 134 13.90 -24.04 -4.77
C HIS B 134 13.72 -25.16 -5.71
N GLN B 135 12.57 -25.22 -6.41
CA GLN B 135 12.23 -26.36 -7.30
C GLN B 135 12.65 -26.13 -8.71
N ASN B 136 13.41 -25.04 -8.96
CA ASN B 136 13.85 -24.64 -10.28
C ASN B 136 12.71 -24.41 -11.27
N VAL B 137 11.53 -24.00 -10.82
CA VAL B 137 10.47 -23.49 -11.69
C VAL B 137 11.06 -22.47 -12.73
N LYS B 138 10.66 -22.58 -14.02
CA LYS B 138 11.06 -21.65 -15.02
C LYS B 138 10.35 -20.26 -14.96
N LYS B 139 9.06 -20.18 -14.67
CA LYS B 139 8.34 -18.92 -14.75
C LYS B 139 7.29 -18.91 -13.67
N VAL B 140 7.14 -17.79 -12.97
CA VAL B 140 6.04 -17.57 -12.11
C VAL B 140 5.36 -16.26 -12.55
N ILE B 141 4.04 -16.28 -12.79
CA ILE B 141 3.31 -15.08 -13.19
C ILE B 141 2.38 -14.73 -12.02
N CYS B 142 2.57 -13.60 -11.31
CA CYS B 142 1.71 -13.20 -10.19
C CYS B 142 0.63 -12.25 -10.70
N LEU B 143 -0.60 -12.37 -10.23
CA LEU B 143 -1.68 -11.57 -10.64
C LEU B 143 -1.95 -10.46 -9.64
N SER B 144 -2.28 -9.30 -10.16
CA SER B 144 -2.47 -8.15 -9.33
C SER B 144 -3.59 -7.36 -9.98
N THR B 145 -3.87 -6.21 -9.42
CA THR B 145 -5.10 -5.52 -9.69
C THR B 145 -4.77 -4.05 -9.84
N ASP B 146 -5.53 -3.32 -10.64
CA ASP B 146 -5.37 -1.88 -10.60
C ASP B 146 -5.64 -1.25 -9.24
N LYS B 147 -6.32 -1.93 -8.33
CA LYS B 147 -6.50 -1.37 -6.92
C LYS B 147 -5.17 -1.29 -6.16
N ALA B 148 -4.13 -1.87 -6.79
CA ALA B 148 -2.77 -1.85 -6.21
C ALA B 148 -2.00 -0.59 -6.54
N ALA B 149 -2.48 0.20 -7.48
CA ALA B 149 -1.73 1.42 -7.85
C ALA B 149 -2.29 2.60 -7.03
N TYR B 150 -1.47 3.41 -6.35
CA TYR B 150 -1.95 4.45 -5.43
C TYR B 150 -3.11 3.86 -4.52
N PRO B 151 -2.82 2.71 -3.84
CA PRO B 151 -3.93 1.95 -3.27
C PRO B 151 -4.53 2.65 -2.09
N ILE B 152 -5.79 2.40 -1.84
CA ILE B 152 -6.46 2.99 -0.73
C ILE B 152 -7.11 1.98 0.21
N ASN B 153 -7.46 0.77 -0.26
CA ASN B 153 -8.06 -0.20 0.66
C ASN B 153 -7.01 -1.29 0.97
N ALA B 154 -7.29 -2.05 2.05
CA ALA B 154 -6.40 -3.08 2.57
C ALA B 154 -6.16 -4.09 1.45
N MET B 155 -7.20 -4.44 0.66
CA MET B 155 -6.99 -5.40 -0.40
C MET B 155 -5.92 -4.85 -1.35
N GLY B 156 -6.06 -3.63 -1.85
CA GLY B 156 -5.13 -3.14 -2.91
C GLY B 156 -3.76 -2.89 -2.33
N ILE B 157 -3.73 -2.44 -1.08
CA ILE B 157 -2.43 -2.22 -0.40
C ILE B 157 -1.69 -3.56 -0.22
N SER B 158 -2.37 -4.64 0.19
CA SER B 158 -1.72 -5.98 0.26
C SER B 158 -1.18 -6.45 -1.11
N LYS B 159 -1.95 -6.18 -2.18
CA LYS B 159 -1.50 -6.53 -3.55
C LYS B 159 -0.36 -5.60 -4.01
N ALA B 160 -0.38 -4.31 -3.64
CA ALA B 160 0.72 -3.43 -4.02
C ALA B 160 2.01 -3.98 -3.35
N MET B 161 1.87 -4.42 -2.10
CA MET B 161 3.03 -4.96 -1.36
C MET B 161 3.45 -6.30 -1.99
N MET B 162 2.47 -7.12 -2.41
CA MET B 162 2.82 -8.35 -3.09
C MET B 162 3.69 -8.03 -4.36
N GLU B 163 3.31 -7.03 -5.18
CA GLU B 163 4.14 -6.62 -6.31
C GLU B 163 5.57 -6.29 -5.93
N LYS B 164 5.71 -5.49 -4.85
CA LYS B 164 7.07 -5.13 -4.38
C LYS B 164 7.85 -6.43 -4.03
N VAL B 165 7.18 -7.40 -3.39
CA VAL B 165 7.85 -8.64 -3.01
C VAL B 165 8.28 -9.44 -4.25
N PHE B 166 7.41 -9.64 -5.26
CA PHE B 166 7.85 -10.39 -6.43
C PHE B 166 8.91 -9.62 -7.26
N VAL B 167 8.77 -8.33 -7.40
CA VAL B 167 9.81 -7.50 -8.07
C VAL B 167 11.12 -7.62 -7.40
N ALA B 168 11.16 -7.54 -6.07
CA ALA B 168 12.41 -7.58 -5.31
C ALA B 168 13.25 -8.86 -5.61
N LYS B 169 12.63 -10.01 -5.85
CA LYS B 169 13.46 -11.23 -6.29
C LYS B 169 14.30 -11.04 -7.52
N SER B 170 13.94 -10.11 -8.43
CA SER B 170 14.71 -9.88 -9.69
C SER B 170 15.94 -9.04 -9.36
N ARG B 171 15.97 -8.41 -8.21
CA ARG B 171 17.20 -7.84 -7.87
C ARG B 171 18.10 -8.92 -7.23
N ASN B 172 17.57 -10.17 -7.01
CA ASN B 172 18.27 -11.42 -6.37
C ASN B 172 18.36 -12.86 -7.05
N ILE B 173 17.45 -13.22 -7.99
CA ILE B 173 17.44 -14.58 -8.67
C ILE B 173 17.63 -14.44 -10.19
N ARG B 174 18.48 -15.31 -10.77
N ARG B 174 18.50 -15.28 -10.78
CA ARG B 174 18.80 -15.29 -12.19
CA ARG B 174 18.82 -15.18 -12.20
C ARG B 174 17.62 -15.74 -13.01
C ARG B 174 17.70 -15.73 -13.03
N SER B 175 17.26 -14.90 -13.98
CA SER B 175 16.08 -15.22 -14.83
C SER B 175 16.12 -16.67 -15.35
N GLU B 176 17.31 -17.09 -15.79
CA GLU B 176 17.54 -18.47 -16.25
C GLU B 176 17.32 -19.48 -15.08
N GLN B 177 17.36 -19.04 -13.83
CA GLN B 177 16.93 -19.97 -12.81
C GLN B 177 15.38 -19.71 -12.87
N THR B 178 14.80 -18.72 -12.19
CA THR B 178 13.36 -18.67 -12.13
C THR B 178 12.92 -17.26 -12.53
N LEU B 179 12.15 -17.14 -13.62
CA LEU B 179 11.67 -15.83 -14.06
C LEU B 179 10.44 -15.47 -13.25
N ILE B 180 10.42 -14.29 -12.61
CA ILE B 180 9.26 -13.93 -11.75
C ILE B 180 8.63 -12.63 -12.26
N CYS B 181 7.37 -12.68 -12.66
CA CYS B 181 6.79 -11.45 -13.15
C CYS B 181 5.36 -11.33 -12.72
N GLY B 182 4.67 -10.26 -13.16
CA GLY B 182 3.29 -10.11 -12.65
C GLY B 182 2.44 -9.34 -13.65
N THR B 183 1.12 -9.43 -13.50
CA THR B 183 0.24 -8.79 -14.42
C THR B 183 -0.70 -8.00 -13.55
N ARG B 184 -1.12 -6.84 -14.04
CA ARG B 184 -2.02 -5.98 -13.33
C ARG B 184 -3.19 -5.60 -14.24
N TYR B 185 -4.41 -5.96 -13.83
CA TYR B 185 -5.61 -5.56 -14.55
C TYR B 185 -6.78 -5.19 -13.61
N GLY B 186 -7.81 -4.50 -14.12
CA GLY B 186 -8.98 -4.12 -13.26
C GLY B 186 -9.96 -5.25 -13.19
N ASN B 187 -11.06 -5.05 -12.47
CA ASN B 187 -12.12 -6.06 -12.41
C ASN B 187 -12.56 -6.35 -13.84
N VAL B 188 -12.95 -7.59 -13.99
CA VAL B 188 -13.27 -8.17 -15.21
C VAL B 188 -14.78 -7.95 -15.41
N MET B 189 -15.18 -7.67 -16.64
CA MET B 189 -16.63 -7.49 -16.89
C MET B 189 -17.44 -8.77 -16.58
N ALA B 190 -18.57 -8.60 -15.88
CA ALA B 190 -19.50 -9.73 -15.66
C ALA B 190 -18.95 -10.78 -14.72
N SER B 191 -17.87 -10.50 -14.04
CA SER B 191 -17.47 -11.38 -13.01
C SER B 191 -18.53 -11.39 -11.90
N ARG B 192 -18.54 -12.49 -11.16
CA ARG B 192 -19.52 -12.67 -10.10
C ARG B 192 -19.43 -11.53 -9.09
N GLY B 193 -20.59 -10.98 -8.71
CA GLY B 193 -20.69 -9.89 -7.78
C GLY B 193 -20.42 -8.52 -8.36
N SER B 194 -20.13 -8.44 -9.65
CA SER B 194 -19.66 -7.16 -10.18
C SER B 194 -20.86 -6.36 -10.68
N VAL B 195 -20.64 -5.15 -11.18
CA VAL B 195 -21.73 -4.23 -11.36
C VAL B 195 -22.61 -4.57 -12.60
N ILE B 196 -22.03 -5.15 -13.68
CA ILE B 196 -22.82 -5.57 -14.85
C ILE B 196 -23.96 -6.56 -14.47
N PRO B 197 -23.68 -7.67 -13.74
CA PRO B 197 -24.76 -8.59 -13.29
C PRO B 197 -25.68 -7.97 -12.22
N LEU B 198 -25.15 -7.06 -11.39
CA LEU B 198 -25.99 -6.34 -10.43
C LEU B 198 -27.07 -5.53 -11.17
N PHE B 199 -26.61 -4.75 -12.15
CA PHE B 199 -27.49 -3.89 -12.93
C PHE B 199 -28.53 -4.76 -13.65
N ILE B 200 -28.05 -5.81 -14.33
CA ILE B 200 -28.86 -6.70 -15.15
C ILE B 200 -29.96 -7.31 -14.27
N ASP B 201 -29.60 -7.73 -13.06
CA ASP B 201 -30.60 -8.28 -12.17
C ASP B 201 -31.62 -7.22 -11.75
N LYS B 202 -31.17 -5.99 -11.51
CA LYS B 202 -32.03 -4.85 -11.25
C LYS B 202 -33.01 -4.63 -12.39
N ILE B 203 -32.49 -4.59 -13.62
CA ILE B 203 -33.32 -4.52 -14.76
C ILE B 203 -34.44 -5.61 -14.69
N LYS B 204 -34.04 -6.86 -14.47
CA LYS B 204 -34.97 -7.94 -14.55
C LYS B 204 -35.90 -7.98 -13.38
N ALA B 205 -35.56 -7.32 -12.30
CA ALA B 205 -36.43 -7.27 -11.15
C ALA B 205 -37.38 -6.04 -11.21
N GLY B 206 -37.35 -5.29 -12.31
CA GLY B 206 -37.97 -3.95 -12.31
C GLY B 206 -37.63 -3.04 -11.12
N GLU B 207 -36.39 -3.08 -10.66
CA GLU B 207 -35.96 -2.19 -9.59
C GLU B 207 -35.02 -1.14 -10.14
N PRO B 208 -34.81 -0.03 -9.39
CA PRO B 208 -33.96 1.04 -9.87
C PRO B 208 -32.54 0.54 -9.83
N LEU B 209 -31.72 0.93 -10.80
CA LEU B 209 -30.30 0.68 -10.77
C LEU B 209 -29.64 1.57 -9.73
N THR B 210 -28.93 0.97 -8.78
CA THR B 210 -28.23 1.78 -7.80
C THR B 210 -26.86 2.12 -8.28
N ILE B 211 -26.63 3.38 -8.61
CA ILE B 211 -25.32 3.90 -9.02
C ILE B 211 -24.66 4.62 -7.84
N THR B 212 -23.42 4.25 -7.56
CA THR B 212 -22.65 4.95 -6.54
C THR B 212 -22.37 6.45 -6.95
N ASP B 213 -21.56 6.65 -8.01
CA ASP B 213 -21.11 7.94 -8.55
C ASP B 213 -21.08 7.73 -10.07
N PRO B 214 -22.00 8.40 -10.81
CA PRO B 214 -22.14 8.17 -12.25
C PRO B 214 -20.91 8.67 -13.00
N ASP B 215 -20.11 9.55 -12.36
CA ASP B 215 -18.93 10.09 -13.00
C ASP B 215 -17.67 9.24 -12.70
N MET B 216 -17.81 8.21 -11.88
CA MET B 216 -16.68 7.24 -11.72
C MET B 216 -16.33 6.63 -13.09
N THR B 217 -15.01 6.44 -13.32
CA THR B 217 -14.59 5.71 -14.55
C THR B 217 -13.89 4.41 -14.10
N ARG B 218 -14.07 3.33 -14.87
CA ARG B 218 -13.35 2.12 -14.64
C ARG B 218 -12.90 1.60 -16.00
N PHE B 219 -11.71 0.98 -16.06
CA PHE B 219 -11.26 0.21 -17.28
C PHE B 219 -12.25 -0.97 -17.54
N LEU B 220 -12.49 -1.24 -18.81
CA LEU B 220 -13.33 -2.36 -19.19
C LEU B 220 -12.37 -3.44 -19.75
N MET B 221 -12.42 -4.63 -19.16
CA MET B 221 -11.62 -5.86 -19.59
C MET B 221 -12.60 -7.03 -19.55
N SER B 222 -12.68 -7.81 -20.63
CA SER B 222 -13.40 -9.11 -20.53
C SER B 222 -12.47 -10.09 -19.86
N LEU B 223 -13.05 -11.20 -19.38
CA LEU B 223 -12.29 -12.33 -18.89
C LEU B 223 -11.26 -12.82 -19.96
N GLU B 224 -11.71 -12.94 -21.21
CA GLU B 224 -10.82 -13.29 -22.28
C GLU B 224 -9.65 -12.30 -22.36
N ASP B 225 -9.89 -10.99 -22.31
CA ASP B 225 -8.79 -9.98 -22.24
C ASP B 225 -7.82 -10.28 -21.10
N ALA B 226 -8.35 -10.65 -19.93
CA ALA B 226 -7.50 -10.84 -18.77
C ALA B 226 -6.67 -12.15 -18.92
N VAL B 227 -7.28 -13.18 -19.50
CA VAL B 227 -6.52 -14.40 -19.79
C VAL B 227 -5.39 -14.11 -20.84
N GLU B 228 -5.64 -13.31 -21.88
CA GLU B 228 -4.62 -12.97 -22.90
C GLU B 228 -3.47 -12.18 -22.29
N LEU B 229 -3.78 -11.29 -21.34
CA LEU B 229 -2.74 -10.60 -20.58
C LEU B 229 -1.80 -11.63 -19.87
N VAL B 230 -2.37 -12.57 -19.12
CA VAL B 230 -1.53 -13.62 -18.48
C VAL B 230 -0.71 -14.44 -19.49
N VAL B 231 -1.31 -14.82 -20.60
CA VAL B 231 -0.57 -15.52 -21.63
C VAL B 231 0.57 -14.63 -22.27
N HIS B 232 0.29 -13.34 -22.51
CA HIS B 232 1.28 -12.43 -23.00
C HIS B 232 2.46 -12.35 -22.03
N ALA B 233 2.21 -12.21 -20.73
CA ALA B 233 3.31 -12.20 -19.76
C ALA B 233 4.07 -13.59 -19.78
N PHE B 234 3.31 -14.65 -19.78
CA PHE B 234 3.90 -16.00 -19.80
C PHE B 234 4.88 -16.11 -21.02
N LYS B 235 4.46 -15.60 -22.18
CA LYS B 235 5.33 -15.65 -23.38
C LYS B 235 6.45 -14.61 -23.38
N HIS B 236 6.19 -13.37 -22.98
CA HIS B 236 7.16 -12.26 -23.31
C HIS B 236 7.75 -11.51 -22.14
N ALA B 237 7.20 -11.70 -20.93
CA ALA B 237 7.68 -10.90 -19.76
C ALA B 237 9.09 -11.28 -19.45
N GLU B 238 9.91 -10.32 -19.07
N GLU B 238 9.89 -10.28 -19.07
CA GLU B 238 11.23 -10.73 -18.52
CA GLU B 238 11.25 -10.53 -18.50
C GLU B 238 11.14 -10.63 -16.97
C GLU B 238 11.14 -10.58 -16.96
N THR B 239 12.15 -11.12 -16.29
CA THR B 239 12.04 -11.24 -14.85
C THR B 239 11.94 -9.87 -14.22
N GLY B 240 11.02 -9.73 -13.24
CA GLY B 240 10.83 -8.43 -12.59
C GLY B 240 9.77 -7.53 -13.26
N ASP B 241 9.25 -7.92 -14.44
CA ASP B 241 8.27 -7.06 -15.15
C ASP B 241 6.90 -7.07 -14.49
N ILE B 242 6.21 -5.92 -14.57
CA ILE B 242 4.78 -5.88 -14.37
C ILE B 242 4.19 -5.57 -15.76
N MET B 243 3.19 -6.31 -16.20
CA MET B 243 2.70 -6.23 -17.56
C MET B 243 1.22 -5.73 -17.42
N VAL B 244 0.83 -4.70 -18.15
CA VAL B 244 -0.56 -4.18 -18.15
C VAL B 244 -1.09 -4.23 -19.62
N GLN B 245 -2.37 -4.54 -19.82
CA GLN B 245 -3.00 -4.43 -21.09
C GLN B 245 -3.54 -3.00 -21.25
N LYS B 246 -3.28 -2.34 -22.38
CA LYS B 246 -3.97 -1.08 -22.67
C LYS B 246 -5.48 -1.36 -22.77
N ALA B 247 -6.33 -0.48 -22.22
CA ALA B 247 -7.76 -0.80 -22.21
C ALA B 247 -8.56 0.48 -22.20
N PRO B 248 -9.75 0.46 -22.82
CA PRO B 248 -10.52 1.72 -22.72
C PRO B 248 -11.24 1.72 -21.36
N SER B 249 -12.04 2.75 -21.07
CA SER B 249 -12.81 2.84 -19.81
C SER B 249 -14.19 3.33 -20.15
N SER B 250 -15.06 3.33 -19.13
CA SER B 250 -16.33 4.07 -19.24
C SER B 250 -16.70 4.68 -17.88
N THR B 251 -17.63 5.64 -17.91
CA THR B 251 -18.20 6.17 -16.69
C THR B 251 -19.21 5.09 -16.31
N VAL B 252 -19.51 4.99 -15.03
CA VAL B 252 -20.57 4.09 -14.55
C VAL B 252 -21.94 4.54 -15.05
N GLY B 253 -22.18 5.87 -15.09
CA GLY B 253 -23.49 6.46 -15.59
C GLY B 253 -23.68 5.92 -17.02
N ASP B 254 -22.65 5.99 -17.86
CA ASP B 254 -22.75 5.43 -19.24
C ASP B 254 -22.92 3.88 -19.38
N LEU B 255 -22.24 3.11 -18.52
CA LEU B 255 -22.45 1.70 -18.47
C LEU B 255 -23.88 1.42 -18.17
N ALA B 256 -24.41 2.11 -17.15
CA ALA B 256 -25.82 1.90 -16.80
C ALA B 256 -26.72 2.26 -18.03
N THR B 257 -26.49 3.41 -18.69
CA THR B 257 -27.38 3.79 -19.87
C THR B 257 -27.36 2.63 -20.84
N ALA B 258 -26.14 2.18 -21.15
CA ALA B 258 -25.90 1.15 -22.15
C ALA B 258 -26.69 -0.10 -21.87
N LEU B 259 -26.68 -0.53 -20.61
CA LEU B 259 -27.43 -1.71 -20.25
C LEU B 259 -28.94 -1.45 -20.32
N LEU B 260 -29.37 -0.30 -19.81
CA LEU B 260 -30.77 0.14 -19.97
C LEU B 260 -31.20 0.03 -21.44
N GLU B 261 -30.44 0.65 -22.33
CA GLU B 261 -30.83 0.64 -23.72
C GLU B 261 -30.86 -0.79 -24.31
N LEU B 262 -29.79 -1.56 -24.12
CA LEU B 262 -29.72 -2.91 -24.67
C LEU B 262 -30.93 -3.70 -24.23
N PHE B 263 -31.29 -3.65 -22.95
CA PHE B 263 -32.47 -4.37 -22.51
C PHE B 263 -33.83 -3.67 -22.78
N GLU B 264 -33.79 -2.56 -23.54
CA GLU B 264 -34.92 -1.57 -23.65
C GLU B 264 -35.71 -1.39 -22.35
N ALA B 265 -35.03 -1.01 -21.29
CA ALA B 265 -35.62 -0.96 -19.97
C ALA B 265 -35.87 0.48 -19.54
N ASP B 266 -36.87 0.68 -18.69
CA ASP B 266 -37.22 2.05 -18.24
C ASP B 266 -36.87 2.31 -16.79
N ASN B 267 -36.09 1.42 -16.19
CA ASN B 267 -35.73 1.56 -14.81
C ASN B 267 -35.11 2.89 -14.56
N ALA B 268 -35.49 3.45 -13.42
CA ALA B 268 -34.90 4.65 -12.89
C ALA B 268 -33.45 4.37 -12.39
N ILE B 269 -32.68 5.43 -12.26
CA ILE B 269 -31.43 5.40 -11.56
C ILE B 269 -31.70 5.94 -10.13
N GLU B 270 -31.11 5.30 -9.14
CA GLU B 270 -31.00 5.79 -7.79
C GLU B 270 -29.51 5.96 -7.42
N ILE B 271 -29.10 7.19 -7.05
CA ILE B 271 -27.74 7.53 -6.63
C ILE B 271 -27.57 7.17 -5.17
N ILE B 272 -26.66 6.26 -4.89
CA ILE B 272 -26.47 5.84 -3.53
C ILE B 272 -25.24 6.48 -2.93
N GLY B 273 -24.35 7.09 -3.73
CA GLY B 273 -23.18 7.75 -3.17
C GLY B 273 -21.98 6.80 -3.25
N THR B 274 -20.78 7.37 -3.17
CA THR B 274 -19.56 6.57 -3.20
C THR B 274 -19.47 5.70 -1.91
N ARG B 275 -19.04 4.45 -2.05
CA ARG B 275 -18.98 3.54 -0.88
C ARG B 275 -17.61 3.65 -0.20
N HIS B 276 -17.48 3.12 1.00
CA HIS B 276 -16.15 3.05 1.58
C HIS B 276 -15.21 2.24 0.69
N GLY B 277 -13.91 2.61 0.71
CA GLY B 277 -12.87 1.92 -0.04
C GLY B 277 -12.87 2.01 -1.59
N GLU B 278 -13.50 3.02 -2.20
CA GLU B 278 -13.62 3.11 -3.70
C GLU B 278 -13.05 4.45 -4.11
N LYS B 279 -12.29 4.43 -5.20
CA LYS B 279 -11.82 5.65 -5.89
C LYS B 279 -12.83 6.12 -6.94
N LYS B 280 -12.71 7.40 -7.35
CA LYS B 280 -13.45 7.92 -8.49
C LYS B 280 -12.94 7.31 -9.80
N ALA B 281 -11.62 7.14 -9.91
CA ALA B 281 -10.96 6.63 -11.12
C ALA B 281 -9.88 5.59 -10.69
N GLU B 282 -9.60 4.60 -11.52
CA GLU B 282 -8.57 3.66 -11.21
C GLU B 282 -7.34 4.00 -12.01
N THR B 283 -6.18 3.74 -11.42
CA THR B 283 -4.90 3.91 -12.07
C THR B 283 -4.32 2.53 -12.46
N LEU B 284 -3.78 2.43 -13.65
CA LEU B 284 -3.10 1.22 -14.07
C LEU B 284 -1.62 1.33 -14.05
N LEU B 285 -1.08 2.52 -14.33
CA LEU B 285 0.36 2.75 -14.18
C LEU B 285 0.50 4.04 -13.39
N THR B 286 1.26 4.01 -12.31
CA THR B 286 1.53 5.28 -11.64
C THR B 286 2.38 6.17 -12.54
N ARG B 287 2.66 7.38 -12.07
CA ARG B 287 3.56 8.27 -12.82
C ARG B 287 4.93 7.66 -13.07
N GLU B 288 5.56 7.11 -12.03
CA GLU B 288 6.90 6.53 -12.14
C GLU B 288 6.95 5.35 -13.15
N GLU B 289 6.01 4.41 -13.00
CA GLU B 289 5.81 3.29 -13.93
C GLU B 289 5.60 3.77 -15.35
N TYR B 290 4.68 4.75 -15.52
CA TYR B 290 4.44 5.19 -16.89
C TYR B 290 5.74 5.75 -17.47
N ALA B 291 6.49 6.52 -16.67
CA ALA B 291 7.77 7.14 -17.14
C ALA B 291 8.78 6.09 -17.58
N GLN B 292 8.73 4.90 -16.98
CA GLN B 292 9.75 3.95 -17.24
C GLN B 292 9.30 2.78 -18.08
N CYS B 293 8.04 2.73 -18.49
CA CYS B 293 7.52 1.50 -19.17
C CYS B 293 7.95 1.49 -20.63
N GLU B 294 7.91 0.33 -21.29
CA GLU B 294 8.14 0.16 -22.68
C GLU B 294 6.80 -0.21 -23.23
N ASP B 295 6.54 0.24 -24.45
CA ASP B 295 5.24 0.07 -25.07
C ASP B 295 5.41 -1.10 -25.99
N MET B 296 4.71 -2.18 -25.73
CA MET B 296 4.88 -3.37 -26.49
C MET B 296 3.76 -3.45 -27.58
N GLY B 297 2.88 -2.46 -27.66
CA GLY B 297 1.83 -2.50 -28.66
C GLY B 297 0.53 -2.34 -27.89
N ASP B 298 -0.14 -3.44 -27.61
CA ASP B 298 -1.35 -3.39 -26.81
C ASP B 298 -1.05 -3.52 -25.32
N TYR B 299 0.22 -3.56 -24.94
CA TYR B 299 0.59 -3.81 -23.51
C TYR B 299 1.65 -2.82 -23.15
N PHE B 300 1.70 -2.44 -21.86
CA PHE B 300 2.91 -1.82 -21.36
C PHE B 300 3.67 -2.82 -20.47
N ARG B 301 4.99 -2.73 -20.52
N ARG B 301 5.00 -2.90 -20.58
CA ARG B 301 5.86 -3.52 -19.69
CA ARG B 301 5.77 -3.64 -19.54
C ARG B 301 6.54 -2.56 -18.70
C ARG B 301 6.51 -2.62 -18.70
N VAL B 302 6.37 -2.75 -17.39
CA VAL B 302 7.18 -1.97 -16.43
C VAL B 302 8.44 -2.80 -16.00
N PRO B 303 9.65 -2.44 -16.51
CA PRO B 303 10.84 -3.18 -16.07
C PRO B 303 11.19 -2.93 -14.57
N ALA B 304 11.71 -3.96 -13.90
CA ALA B 304 12.21 -3.82 -12.56
C ALA B 304 13.40 -2.81 -12.64
N ASP B 305 13.45 -1.81 -11.81
CA ASP B 305 14.66 -0.94 -11.71
C ASP B 305 15.73 -1.54 -10.79
N SER B 306 16.95 -1.04 -10.95
CA SER B 306 18.08 -1.20 -10.04
C SER B 306 18.33 -2.68 -9.77
N ARG B 307 18.37 -3.50 -10.79
CA ARG B 307 18.54 -4.92 -10.54
C ARG B 307 19.88 -5.27 -9.89
N ASP B 308 20.85 -4.40 -10.01
CA ASP B 308 22.05 -4.56 -9.26
C ASP B 308 22.06 -4.04 -7.82
N LEU B 309 20.91 -3.62 -7.27
CA LEU B 309 20.78 -3.17 -5.86
C LEU B 309 21.60 -1.93 -5.65
N ASN B 310 21.83 -1.20 -6.72
CA ASN B 310 22.35 0.15 -6.52
C ASN B 310 21.26 1.08 -6.06
N TYR B 311 21.57 1.70 -4.94
CA TYR B 311 20.72 2.58 -4.20
C TYR B 311 20.70 3.98 -4.84
N SER B 312 21.71 4.32 -5.66
CA SER B 312 21.89 5.74 -5.95
C SER B 312 20.67 6.36 -6.72
N ASN B 313 19.97 5.57 -7.55
CA ASN B 313 18.71 6.00 -8.24
C ASN B 313 17.61 6.52 -7.34
N TYR B 314 17.75 6.22 -6.03
CA TYR B 314 16.79 6.54 -5.00
C TYR B 314 17.26 7.73 -4.25
N VAL B 315 18.56 7.96 -4.31
CA VAL B 315 19.16 8.91 -3.36
C VAL B 315 19.91 10.06 -4.09
N GLU B 316 20.91 9.75 -4.91
CA GLU B 316 21.79 10.81 -5.50
C GLU B 316 21.42 11.21 -6.96
N THR B 317 20.69 10.38 -7.67
CA THR B 317 20.52 10.64 -9.08
C THR B 317 19.05 10.45 -9.47
N GLY B 318 18.51 11.38 -10.27
CA GLY B 318 17.08 11.47 -10.48
C GLY B 318 16.92 11.40 -11.96
N ASN B 319 15.69 11.59 -12.44
CA ASN B 319 15.39 11.52 -13.87
C ASN B 319 14.34 12.58 -14.16
N GLU B 320 14.70 13.59 -14.94
CA GLU B 320 13.70 14.60 -15.41
C GLU B 320 12.53 14.01 -16.26
N LYS B 321 12.67 12.79 -16.77
CA LYS B 321 11.59 12.06 -17.50
C LYS B 321 10.50 11.65 -16.50
N ILE B 322 10.89 11.27 -15.27
CA ILE B 322 9.85 11.03 -14.26
C ILE B 322 9.15 12.38 -13.92
N THR B 323 9.95 13.44 -13.74
CA THR B 323 9.39 14.75 -13.41
C THR B 323 8.33 15.17 -14.42
N GLN B 324 8.46 14.73 -15.67
CA GLN B 324 7.60 15.23 -16.73
C GLN B 324 6.44 14.31 -17.01
N SER B 325 6.50 13.09 -16.48
CA SER B 325 5.51 12.11 -16.87
C SER B 325 4.17 12.32 -16.12
N TYR B 326 3.12 11.75 -16.70
CA TYR B 326 1.72 11.66 -16.25
C TYR B 326 1.47 10.17 -15.84
N GLU B 327 0.43 9.83 -15.08
CA GLU B 327 -0.01 8.48 -14.74
C GLU B 327 -1.02 7.98 -15.79
N TYR B 328 -1.24 6.67 -15.91
CA TYR B 328 -2.15 6.03 -16.90
C TYR B 328 -3.39 5.52 -16.13
N ASN B 329 -4.58 6.10 -16.38
CA ASN B 329 -5.75 5.81 -15.52
C ASN B 329 -6.97 5.84 -16.39
N SER B 330 -8.11 5.53 -15.79
CA SER B 330 -9.39 5.37 -16.51
C SER B 330 -10.00 6.72 -16.88
N ASP B 331 -9.44 7.84 -16.38
CA ASP B 331 -9.90 9.15 -16.93
C ASP B 331 -9.13 9.63 -18.14
N ASN B 332 -7.89 9.13 -18.35
CA ASN B 332 -7.09 9.63 -19.46
C ASN B 332 -6.88 8.67 -20.56
N THR B 333 -7.38 7.43 -20.42
CA THR B 333 -7.47 6.52 -21.53
C THR B 333 -8.64 6.92 -22.43
N HIS B 334 -8.99 6.12 -23.44
CA HIS B 334 -10.16 6.37 -24.27
C HIS B 334 -11.37 6.04 -23.49
N ILE B 335 -12.23 7.03 -23.24
CA ILE B 335 -13.48 6.81 -22.48
C ILE B 335 -14.57 6.49 -23.51
N LEU B 336 -15.20 5.30 -23.43
CA LEU B 336 -16.10 4.85 -24.53
C LEU B 336 -17.38 5.65 -24.50
N THR B 337 -17.98 5.90 -25.66
CA THR B 337 -19.35 6.41 -25.77
C THR B 337 -20.30 5.27 -25.38
N VAL B 338 -21.54 5.63 -25.08
CA VAL B 338 -22.62 4.67 -24.82
C VAL B 338 -22.77 3.55 -25.90
N GLU B 339 -22.65 3.93 -27.17
CA GLU B 339 -22.73 2.95 -28.26
C GLU B 339 -21.51 2.01 -28.25
N GLU B 340 -20.33 2.55 -28.03
CA GLU B 340 -19.15 1.69 -27.87
C GLU B 340 -19.29 0.67 -26.73
N ILE B 341 -19.90 1.08 -25.61
CA ILE B 341 -20.06 0.23 -24.44
C ILE B 341 -21.03 -0.93 -24.78
N LYS B 342 -22.16 -0.58 -25.40
CA LYS B 342 -23.10 -1.62 -25.87
C LYS B 342 -22.41 -2.67 -26.75
N GLU B 343 -21.70 -2.21 -27.76
CA GLU B 343 -20.90 -3.07 -28.59
C GLU B 343 -19.99 -4.03 -27.76
N LYS B 344 -19.21 -3.46 -26.84
CA LYS B 344 -18.31 -4.27 -26.07
C LYS B 344 -19.14 -5.26 -25.24
N LEU B 345 -20.25 -4.80 -24.69
CA LEU B 345 -21.11 -5.65 -23.85
C LEU B 345 -21.63 -6.88 -24.64
N LEU B 346 -22.04 -6.64 -25.91
CA LEU B 346 -22.51 -7.69 -26.82
C LEU B 346 -21.46 -8.70 -27.21
N THR B 347 -20.19 -8.46 -26.84
CA THR B 347 -19.13 -9.49 -27.08
C THR B 347 -19.06 -10.45 -25.93
N LEU B 348 -19.83 -10.17 -24.87
CA LEU B 348 -19.81 -10.99 -23.68
C LEU B 348 -21.01 -11.94 -23.67
N GLU B 349 -20.75 -13.24 -23.69
CA GLU B 349 -21.80 -14.19 -23.92
C GLU B 349 -22.71 -14.18 -22.70
N TYR B 350 -22.13 -13.80 -21.57
CA TYR B 350 -22.94 -13.57 -20.39
C TYR B 350 -24.07 -12.57 -20.65
N VAL B 351 -23.71 -11.43 -21.26
CA VAL B 351 -24.68 -10.39 -21.55
C VAL B 351 -25.66 -10.93 -22.59
N ARG B 352 -25.14 -11.51 -23.66
CA ARG B 352 -26.01 -12.12 -24.64
C ARG B 352 -27.06 -13.12 -24.08
N ASN B 353 -26.67 -14.05 -23.23
CA ASN B 353 -27.65 -15.03 -22.72
C ASN B 353 -28.71 -14.37 -21.91
N GLU B 354 -28.28 -13.42 -21.07
CA GLU B 354 -29.23 -12.65 -20.29
C GLU B 354 -30.21 -11.79 -21.16
N LEU B 355 -29.69 -11.27 -22.27
CA LEU B 355 -30.42 -10.44 -23.21
C LEU B 355 -31.52 -11.24 -23.90
N ASN B 356 -31.17 -12.45 -24.34
CA ASN B 356 -32.10 -13.41 -24.93
C ASN B 356 -33.25 -13.77 -24.02
N ASP B 357 -32.93 -14.43 -22.92
CA ASP B 357 -33.91 -14.77 -21.88
C ASP B 357 -34.86 -13.63 -21.45
N TYR B 358 -34.51 -12.41 -21.86
CA TYR B 358 -35.27 -11.23 -21.55
C TYR B 358 -36.02 -10.73 -22.77
#